data_3E6T
#
_entry.id   3E6T
#
_cell.length_a   213.988
_cell.length_b   213.988
_cell.length_c   116.822
_cell.angle_alpha   90.00
_cell.angle_beta   90.00
_cell.angle_gamma   120.00
#
_symmetry.space_group_name_H-M   'P 61 2 2'
#
loop_
_entity.id
_entity.type
_entity.pdbx_description
1 polymer 'Nitric oxide synthase, inducible'
2 non-polymer 'PROTOPORPHYRIN IX CONTAINING FE'
3 non-polymer 5,6,7,8-TETRAHYDROBIOPTERIN
4 non-polymer "5-(4'-AMINO-1'-ETHYL-5',8'-DIFLUORO-1'H-SPIRO[PIPERIDINE-4,2'-QUINAZOLINE]-1-YLCARBONYL)PICOLINONITRILE"
5 water water
#
_entity_poly.entity_id   1
_entity_poly.type   'polypeptide(L)'
_entity_poly.pdbx_seq_one_letter_code
;LDKLHVTSTRPQYVRIKNWGSGEILHDTLHHKATSDFTCKSKSCLGSIMNPKSLTRGPRDKPTPLEELLPHAIEFINQYY
GSFKEAKIEEHLARLEAVTKEIETTGTYQLTLDELIFATKMAWRNAPRCIGRIQWSNLQVFDARNCSTAQEMFQHICRHI
LYATNNGNIRSAITVFPQRSDGKHDFRLWNSQLIRYAGYQMPDGTIRGDAATLEFTQLCIDLGWKPRYGRFDVLPLVLQA
DGQDPEVFEIPPDLVLEVTMEHPKYEWFQELGLKWYALPAVANMLLEVGGLEFPACPFNGWYMGTEIGVRDFCDTQRYNI
LEEVGRRMGLETHTLASLWKDRAVTEINVAVLHSFQKQNVTIMDHHTASESFMKHMQNEYRARGGCPADWIWLVPPVSGS
ITPVFHQEMLNYVLSPFYYYQIEPWKTHIWQNE
;
_entity_poly.pdbx_strand_id   A,B
#
loop_
_chem_comp.id
_chem_comp.type
_chem_comp.name
_chem_comp.formula
1A2 non-polymer 5-(4'-AMINO-1'-ETHYL-5',8'-DIFLUORO-1'H-SPIRO[PIPERIDINE-4,2'-QUINAZOLINE]-1-YLCARBONYL)PICOLINONITRILE 'C21 H22 F2 N6 O'
H4B non-polymer 5,6,7,8-TETRAHYDROBIOPTERIN 'C9 H15 N5 O3'
HEM non-polymer 'PROTOPORPHYRIN IX CONTAINING FE' 'C34 H32 Fe N4 O4'
#
# COMPACT_ATOMS: atom_id res chain seq x y z
N GLN A 12 30.97 2.63 -17.97
CA GLN A 12 30.15 1.84 -18.95
C GLN A 12 29.28 2.76 -19.78
N TYR A 13 28.60 3.69 -19.12
CA TYR A 13 27.73 4.65 -19.78
C TYR A 13 27.14 5.59 -18.72
N VAL A 14 26.52 6.67 -19.16
CA VAL A 14 25.92 7.63 -18.23
C VAL A 14 24.41 7.70 -18.43
N ARG A 15 23.69 7.66 -17.31
CA ARG A 15 22.23 7.73 -17.34
C ARG A 15 21.82 9.19 -17.44
N ILE A 16 20.83 9.46 -18.27
CA ILE A 16 20.34 10.81 -18.46
C ILE A 16 18.82 10.78 -18.42
N LYS A 17 18.25 11.68 -17.63
CA LYS A 17 16.80 11.73 -17.49
C LYS A 17 16.12 13.00 -17.97
N ASN A 18 14.90 12.81 -18.46
CA ASN A 18 14.07 13.91 -18.91
C ASN A 18 12.93 14.04 -17.90
N TRP A 19 13.06 15.03 -17.01
CA TRP A 19 12.05 15.23 -15.97
C TRP A 19 10.70 15.67 -16.49
N GLY A 20 10.51 15.63 -17.80
CA GLY A 20 9.24 16.02 -18.36
C GLY A 20 8.43 14.78 -18.67
N SER A 21 9.06 13.85 -19.39
CA SER A 21 8.42 12.60 -19.79
C SER A 21 8.88 11.46 -18.89
N GLY A 22 9.89 11.74 -18.07
CA GLY A 22 10.42 10.73 -17.17
C GLY A 22 11.39 9.78 -17.84
N GLU A 23 11.34 9.73 -19.16
CA GLU A 23 12.20 8.85 -19.96
C GLU A 23 13.69 8.93 -19.62
N ILE A 24 14.36 7.79 -19.76
CA ILE A 24 15.79 7.72 -19.47
C ILE A 24 16.54 7.36 -20.74
N LEU A 25 17.79 7.82 -20.82
CA LEU A 25 18.64 7.55 -21.97
C LEU A 25 20.04 7.18 -21.49
N HIS A 26 20.67 6.25 -22.21
CA HIS A 26 22.01 5.81 -21.87
C HIS A 26 22.98 6.41 -22.86
N ASP A 27 23.98 7.15 -22.36
CA ASP A 27 24.95 7.77 -23.25
C ASP A 27 26.26 7.02 -23.27
N THR A 28 26.68 6.61 -24.47
CA THR A 28 27.93 5.88 -24.65
C THR A 28 28.92 6.69 -25.49
N LEU A 29 28.40 7.67 -26.23
CA LEU A 29 29.22 8.51 -27.09
C LEU A 29 30.34 9.27 -26.41
N HIS A 30 30.09 9.82 -25.22
CA HIS A 30 31.11 10.57 -24.52
C HIS A 30 32.46 9.86 -24.43
N HIS A 31 32.48 8.56 -24.67
CA HIS A 31 33.72 7.79 -24.63
C HIS A 31 34.62 8.19 -25.79
N LYS A 32 33.99 8.69 -26.85
CA LYS A 32 34.73 9.13 -28.03
C LYS A 32 35.08 10.62 -27.94
N ALA A 33 34.99 11.18 -26.74
CA ALA A 33 35.32 12.58 -26.51
C ALA A 33 36.79 12.83 -26.78
N THR A 34 37.18 14.10 -26.81
CA THR A 34 38.57 14.46 -27.09
C THR A 34 39.40 14.67 -25.83
N SER A 35 40.21 15.73 -25.83
CA SER A 35 41.10 16.05 -24.71
C SER A 35 40.35 16.47 -23.45
N ASP A 36 40.85 17.53 -22.80
CA ASP A 36 40.26 18.05 -21.58
C ASP A 36 39.42 19.30 -21.82
N PHE A 37 38.13 19.08 -22.05
CA PHE A 37 37.18 20.16 -22.29
C PHE A 37 36.68 20.70 -20.94
N THR A 38 37.36 21.74 -20.44
CA THR A 38 37.04 22.39 -19.16
C THR A 38 37.22 21.51 -17.92
N SER A 43 33.13 15.45 -20.77
CA SER A 43 31.71 15.15 -20.41
C SER A 43 31.29 15.98 -19.19
N CYS A 44 30.74 17.15 -19.45
CA CYS A 44 30.28 18.03 -18.38
C CYS A 44 28.91 17.58 -17.88
N LEU A 45 28.81 17.38 -16.58
CA LEU A 45 27.57 16.93 -15.94
C LEU A 45 26.85 18.10 -15.26
N GLY A 46 26.77 19.24 -15.97
CA GLY A 46 26.12 20.42 -15.42
C GLY A 46 24.61 20.43 -15.58
N SER A 47 24.13 19.83 -16.67
CA SER A 47 22.70 19.75 -16.96
C SER A 47 21.98 18.75 -16.04
N ILE A 48 22.75 18.12 -15.15
CA ILE A 48 22.22 17.12 -14.23
C ILE A 48 21.62 17.70 -12.94
N MET A 49 20.42 17.23 -12.62
CA MET A 49 19.70 17.67 -11.44
C MET A 49 20.37 17.26 -10.13
N ASN A 50 20.43 15.95 -9.89
CA ASN A 50 21.02 15.44 -8.66
C ASN A 50 22.29 14.62 -8.88
N PRO A 51 23.41 15.29 -9.18
CA PRO A 51 24.67 14.57 -9.40
C PRO A 51 25.29 14.15 -8.05
N LYS A 52 25.90 12.97 -8.01
CA LYS A 52 26.53 12.46 -6.79
C LYS A 52 27.48 13.46 -6.14
N SER A 53 28.10 14.30 -6.94
CA SER A 53 29.01 15.32 -6.42
C SER A 53 28.29 16.28 -5.49
N LEU A 54 26.97 16.40 -5.67
CA LEU A 54 26.17 17.29 -4.85
C LEU A 54 25.40 16.58 -3.74
N THR A 55 25.58 15.26 -3.65
CA THR A 55 24.90 14.45 -2.65
C THR A 55 25.83 13.98 -1.52
N ARG A 56 25.29 13.93 -0.31
CA ARG A 56 26.05 13.44 0.85
C ARG A 56 25.13 12.36 1.42
N GLY A 57 25.54 11.10 1.28
CA GLY A 57 24.72 10.00 1.74
C GLY A 57 24.93 9.40 3.11
N PRO A 58 24.43 8.17 3.32
CA PRO A 58 24.47 7.35 4.54
C PRO A 58 25.84 7.10 5.18
N ARG A 59 25.84 6.33 6.27
CA ARG A 59 27.05 6.01 7.01
C ARG A 59 26.77 4.97 8.10
N ASP A 60 27.64 3.96 8.20
CA ASP A 60 27.52 2.89 9.19
C ASP A 60 28.25 3.17 10.47
N LYS A 61 29.31 3.97 10.39
CA LYS A 61 30.11 4.26 11.55
C LYS A 61 30.42 5.74 11.67
N PRO A 62 30.94 6.16 12.83
CA PRO A 62 31.27 7.57 13.04
C PRO A 62 32.26 8.06 12.00
N THR A 63 32.60 9.34 12.08
CA THR A 63 33.53 9.94 11.16
C THR A 63 34.98 9.76 11.62
N PRO A 64 35.78 9.00 10.86
CA PRO A 64 37.18 8.77 11.21
C PRO A 64 37.83 10.05 11.75
N LEU A 65 38.30 10.01 13.00
CA LEU A 65 38.89 11.17 13.63
C LEU A 65 39.91 11.89 12.79
N GLU A 66 40.71 11.14 12.03
CA GLU A 66 41.75 11.73 11.19
C GLU A 66 41.15 12.75 10.23
N GLU A 67 39.90 12.52 9.81
CA GLU A 67 39.23 13.42 8.90
C GLU A 67 38.55 14.53 9.68
N LEU A 68 37.73 14.13 10.65
CA LEU A 68 36.98 15.09 11.46
C LEU A 68 37.81 16.22 12.04
N LEU A 69 38.86 15.86 12.77
CA LEU A 69 39.71 16.86 13.41
C LEU A 69 40.18 18.01 12.53
N PRO A 70 40.76 17.71 11.36
CA PRO A 70 41.24 18.75 10.46
C PRO A 70 40.12 19.68 10.00
N HIS A 71 39.00 19.09 9.58
CA HIS A 71 37.88 19.89 9.14
C HIS A 71 37.40 20.80 10.27
N ALA A 72 37.24 20.20 11.46
CA ALA A 72 36.81 20.95 12.62
C ALA A 72 37.70 22.18 12.81
N ILE A 73 39.01 21.96 12.74
CA ILE A 73 39.97 23.05 12.91
C ILE A 73 39.73 24.15 11.88
N GLU A 74 39.66 23.75 10.61
CA GLU A 74 39.43 24.71 9.53
C GLU A 74 38.22 25.55 9.87
N PHE A 75 37.09 24.87 10.11
CA PHE A 75 35.85 25.56 10.44
C PHE A 75 36.02 26.55 11.59
N ILE A 76 36.54 26.07 12.70
CA ILE A 76 36.75 26.93 13.86
C ILE A 76 37.63 28.11 13.48
N ASN A 77 38.47 27.93 12.47
CA ASN A 77 39.35 29.00 12.02
C ASN A 77 38.57 29.99 11.16
N GLN A 78 37.59 29.47 10.42
CA GLN A 78 36.74 30.31 9.59
C GLN A 78 35.90 31.18 10.52
N TYR A 79 35.25 30.54 11.49
CA TYR A 79 34.40 31.25 12.44
C TYR A 79 35.12 32.39 13.15
N TYR A 80 36.26 32.10 13.74
CA TYR A 80 37.00 33.14 14.45
C TYR A 80 37.61 34.14 13.51
N GLY A 81 38.02 33.67 12.34
CA GLY A 81 38.59 34.58 11.36
C GLY A 81 37.51 35.48 10.81
N SER A 82 36.28 35.26 11.24
CA SER A 82 35.14 36.03 10.78
C SER A 82 35.07 37.45 11.31
N PHE A 83 34.60 37.61 12.54
CA PHE A 83 34.45 38.94 13.13
C PHE A 83 35.68 39.84 13.08
N LYS A 84 35.43 41.14 12.97
CA LYS A 84 36.49 42.14 12.95
C LYS A 84 37.00 42.22 14.38
N GLU A 85 38.26 42.64 14.55
CA GLU A 85 38.83 42.71 15.88
C GLU A 85 38.74 41.31 16.46
N ALA A 86 39.76 40.52 16.15
CA ALA A 86 39.87 39.14 16.55
C ALA A 86 39.80 38.88 18.06
N LYS A 87 39.65 37.61 18.40
CA LYS A 87 39.60 37.12 19.77
C LYS A 87 40.54 35.92 19.76
N ILE A 88 41.82 36.21 19.64
CA ILE A 88 42.85 35.19 19.57
C ILE A 88 42.82 34.18 20.71
N GLU A 89 42.71 34.67 21.95
CA GLU A 89 42.68 33.76 23.11
C GLU A 89 41.50 32.82 22.95
N GLU A 90 40.30 33.38 22.87
CA GLU A 90 39.09 32.59 22.70
C GLU A 90 39.25 31.61 21.56
N HIS A 91 39.89 32.05 20.50
CA HIS A 91 40.13 31.21 19.32
C HIS A 91 40.97 29.97 19.72
N LEU A 92 42.18 30.22 20.22
CA LEU A 92 43.08 29.15 20.64
C LEU A 92 42.35 28.23 21.62
N ALA A 93 41.73 28.83 22.62
CA ALA A 93 40.99 28.06 23.62
C ALA A 93 39.93 27.18 22.93
N ARG A 94 39.16 27.77 22.01
CA ARG A 94 38.13 27.00 21.31
C ARG A 94 38.81 25.87 20.54
N LEU A 95 39.84 26.21 19.78
CA LEU A 95 40.58 25.21 19.02
C LEU A 95 40.99 24.09 19.99
N GLU A 96 41.46 24.51 21.16
CA GLU A 96 41.91 23.61 22.22
C GLU A 96 40.76 22.74 22.74
N ALA A 97 39.72 23.42 23.22
CA ALA A 97 38.55 22.76 23.77
C ALA A 97 37.91 21.75 22.82
N VAL A 98 37.92 22.10 21.53
CA VAL A 98 37.31 21.27 20.50
C VAL A 98 38.08 19.97 20.25
N THR A 99 39.41 20.08 20.16
CA THR A 99 40.25 18.91 19.95
C THR A 99 40.01 17.95 21.11
N LYS A 100 40.12 18.51 22.31
CA LYS A 100 39.93 17.75 23.54
C LYS A 100 38.61 16.99 23.47
N GLU A 101 37.53 17.72 23.18
CA GLU A 101 36.23 17.10 23.12
C GLU A 101 36.15 15.99 22.09
N ILE A 102 36.88 16.15 21.00
CA ILE A 102 36.86 15.14 19.94
C ILE A 102 37.57 13.85 20.37
N GLU A 103 38.76 13.96 20.95
CA GLU A 103 39.46 12.76 21.37
C GLU A 103 38.79 12.12 22.58
N THR A 104 37.88 12.85 23.21
CA THR A 104 37.16 12.33 24.37
C THR A 104 35.77 11.80 24.03
N THR A 105 35.16 12.33 22.97
CA THR A 105 33.82 11.91 22.58
C THR A 105 33.74 11.24 21.23
N GLY A 106 34.68 11.58 20.36
CA GLY A 106 34.69 11.04 19.02
C GLY A 106 33.86 11.94 18.12
N THR A 107 33.62 13.16 18.59
CA THR A 107 32.83 14.15 17.86
C THR A 107 32.90 15.45 18.64
N TYR A 108 31.93 16.32 18.42
CA TYR A 108 31.86 17.57 19.16
C TYR A 108 30.59 18.38 18.92
N GLN A 109 30.38 19.37 19.78
CA GLN A 109 29.23 20.23 19.71
C GLN A 109 29.63 21.66 19.37
N LEU A 110 28.91 22.28 18.45
CA LEU A 110 29.19 23.65 18.05
C LEU A 110 28.50 24.59 19.03
N THR A 111 29.06 25.77 19.25
CA THR A 111 28.43 26.75 20.12
C THR A 111 27.30 27.31 19.27
N LEU A 112 26.21 27.74 19.92
CA LEU A 112 25.06 28.27 19.20
C LEU A 112 25.50 29.25 18.13
N ASP A 113 26.44 30.12 18.48
CA ASP A 113 26.96 31.10 17.52
C ASP A 113 27.57 30.45 16.31
N GLU A 114 28.36 29.40 16.53
CA GLU A 114 28.99 28.70 15.44
C GLU A 114 27.89 28.16 14.54
N LEU A 115 26.83 27.64 15.15
CA LEU A 115 25.71 27.09 14.41
C LEU A 115 25.13 28.17 13.50
N ILE A 116 24.74 29.28 14.11
CA ILE A 116 24.19 30.41 13.40
C ILE A 116 25.12 30.82 12.26
N PHE A 117 26.40 30.90 12.57
CA PHE A 117 27.38 31.27 11.56
C PHE A 117 27.40 30.22 10.46
N ALA A 118 27.38 28.95 10.87
CA ALA A 118 27.41 27.87 9.90
C ALA A 118 26.25 27.89 8.92
N THR A 119 25.02 27.95 9.44
CA THR A 119 23.84 27.94 8.59
C THR A 119 23.78 29.07 7.59
N LYS A 120 24.24 30.26 7.98
CA LYS A 120 24.22 31.39 7.05
C LYS A 120 25.28 31.21 5.96
N MET A 121 26.49 30.81 6.35
CA MET A 121 27.56 30.58 5.38
C MET A 121 27.17 29.45 4.43
N ALA A 122 26.45 28.45 4.93
CA ALA A 122 26.02 27.34 4.08
C ALA A 122 25.04 27.92 3.06
N TRP A 123 24.14 28.76 3.54
CA TRP A 123 23.16 29.39 2.68
C TRP A 123 24.01 30.23 1.72
N ARG A 124 24.97 30.93 2.30
CA ARG A 124 25.87 31.77 1.53
C ARG A 124 26.55 30.97 0.43
N ASN A 125 26.84 29.70 0.65
CA ASN A 125 27.51 28.91 -0.37
C ASN A 125 26.57 28.06 -1.23
N ALA A 126 25.28 28.38 -1.22
CA ALA A 126 24.34 27.61 -2.03
C ALA A 126 24.38 28.19 -3.45
N PRO A 127 25.07 27.50 -4.36
CA PRO A 127 25.18 27.96 -5.75
C PRO A 127 23.86 28.13 -6.49
N ARG A 128 22.86 27.34 -6.11
CA ARG A 128 21.56 27.39 -6.75
C ARG A 128 20.54 28.33 -6.13
N CYS A 129 20.92 29.04 -5.09
CA CYS A 129 20.01 29.98 -4.43
C CYS A 129 20.16 31.40 -4.96
N ILE A 130 19.05 31.96 -5.43
CA ILE A 130 19.03 33.29 -6.00
C ILE A 130 18.72 34.39 -4.99
N GLY A 131 18.32 34.00 -3.78
CA GLY A 131 17.96 34.99 -2.78
C GLY A 131 19.04 35.24 -1.75
N ARG A 132 20.27 34.86 -2.10
CA ARG A 132 21.39 35.00 -1.16
C ARG A 132 21.76 36.39 -0.68
N ILE A 133 21.18 37.44 -1.25
CA ILE A 133 21.52 38.75 -0.75
C ILE A 133 20.94 38.87 0.65
N GLN A 134 20.09 37.92 1.02
CA GLN A 134 19.46 37.91 2.34
C GLN A 134 20.21 37.02 3.34
N TRP A 135 21.24 36.33 2.87
CA TRP A 135 22.02 35.40 3.69
C TRP A 135 22.20 35.72 5.17
N SER A 136 22.39 36.98 5.53
CA SER A 136 22.59 37.27 6.96
C SER A 136 21.29 37.36 7.77
N ASN A 137 20.14 37.45 7.11
CA ASN A 137 18.84 37.48 7.80
C ASN A 137 18.27 36.08 7.96
N LEU A 138 18.65 35.39 9.02
CA LEU A 138 18.14 34.05 9.23
C LEU A 138 17.92 33.69 10.68
N GLN A 139 16.68 33.34 10.99
CA GLN A 139 16.32 32.92 12.33
C GLN A 139 16.73 31.45 12.44
N VAL A 140 17.44 31.12 13.51
CA VAL A 140 17.88 29.75 13.70
C VAL A 140 17.28 29.12 14.94
N PHE A 141 16.49 28.08 14.76
CA PHE A 141 15.90 27.38 15.89
C PHE A 141 16.79 26.19 16.21
N ASP A 142 17.25 26.13 17.45
CA ASP A 142 18.14 25.08 17.89
C ASP A 142 17.42 23.88 18.48
N ALA A 143 17.21 22.86 17.68
CA ALA A 143 16.52 21.66 18.15
C ALA A 143 17.50 20.49 18.24
N ARG A 144 18.77 20.81 18.48
CA ARG A 144 19.80 19.78 18.59
C ARG A 144 19.58 18.83 19.78
N ASN A 145 18.67 19.19 20.67
CA ASN A 145 18.34 18.37 21.83
C ASN A 145 17.08 17.56 21.60
N CYS A 146 16.50 17.68 20.41
CA CYS A 146 15.28 16.94 20.10
C CYS A 146 15.58 15.47 20.31
N SER A 147 14.55 14.67 20.59
CA SER A 147 14.78 13.25 20.77
C SER A 147 13.70 12.35 20.20
N THR A 148 12.45 12.82 20.16
CA THR A 148 11.36 11.99 19.63
C THR A 148 10.71 12.57 18.38
N ALA A 149 9.98 11.74 17.64
CA ALA A 149 9.31 12.19 16.43
C ALA A 149 8.31 13.29 16.78
N GLN A 150 7.46 13.03 17.79
CA GLN A 150 6.47 13.99 18.22
C GLN A 150 7.14 15.33 18.56
N GLU A 151 8.36 15.25 19.07
CA GLU A 151 9.09 16.47 19.41
C GLU A 151 9.53 17.19 18.16
N MET A 152 9.81 16.43 17.10
CA MET A 152 10.21 17.01 15.84
C MET A 152 9.01 17.76 15.29
N PHE A 153 7.86 17.11 15.38
CA PHE A 153 6.60 17.68 14.90
C PHE A 153 6.32 19.04 15.52
N GLN A 154 6.41 19.11 16.85
CA GLN A 154 6.14 20.36 17.53
C GLN A 154 7.11 21.43 17.00
N HIS A 155 8.38 21.07 16.90
CA HIS A 155 9.39 21.98 16.39
C HIS A 155 9.05 22.46 14.99
N ILE A 156 8.68 21.53 14.12
CA ILE A 156 8.33 21.90 12.76
C ILE A 156 7.14 22.84 12.76
N CYS A 157 6.11 22.53 13.54
CA CYS A 157 4.93 23.39 13.60
C CYS A 157 5.34 24.79 14.00
N ARG A 158 6.24 24.88 14.95
CA ARG A 158 6.73 26.16 15.44
C ARG A 158 7.44 26.91 14.31
N HIS A 159 8.25 26.19 13.56
CA HIS A 159 8.98 26.80 12.46
C HIS A 159 7.99 27.42 11.48
N ILE A 160 7.08 26.57 11.01
CA ILE A 160 6.06 26.98 10.09
C ILE A 160 5.33 28.24 10.56
N LEU A 161 4.86 28.23 11.80
CA LEU A 161 4.15 29.41 12.32
C LEU A 161 5.03 30.65 12.33
N TYR A 162 6.29 30.50 12.74
CA TYR A 162 7.19 31.64 12.78
C TYR A 162 7.48 32.20 11.38
N ALA A 163 7.85 31.31 10.47
CA ALA A 163 8.19 31.71 9.10
C ALA A 163 7.02 32.34 8.36
N THR A 164 5.83 31.76 8.53
CA THR A 164 4.64 32.26 7.85
C THR A 164 4.32 33.67 8.29
N ASN A 165 4.37 33.87 9.60
CA ASN A 165 4.14 35.18 10.18
C ASN A 165 2.95 35.92 9.58
N ASN A 166 1.88 35.18 9.32
CA ASN A 166 0.66 35.76 8.76
C ASN A 166 0.85 36.45 7.40
N GLY A 167 1.66 35.86 6.54
CA GLY A 167 1.89 36.45 5.22
C GLY A 167 3.21 37.18 5.07
N ASN A 168 3.68 37.83 6.13
CA ASN A 168 4.95 38.54 6.08
C ASN A 168 6.06 37.50 6.35
N ILE A 169 6.37 36.70 5.35
CA ILE A 169 7.36 35.62 5.45
C ILE A 169 8.74 35.94 6.01
N ARG A 170 9.21 35.08 6.89
CA ARG A 170 10.52 35.24 7.50
C ARG A 170 11.34 33.99 7.24
N SER A 171 12.61 34.17 6.89
CA SER A 171 13.50 33.06 6.61
C SER A 171 13.95 32.45 7.93
N ALA A 172 13.90 31.13 8.00
CA ALA A 172 14.30 30.43 9.21
C ALA A 172 14.74 29.01 8.91
N ILE A 173 15.50 28.45 9.84
CA ILE A 173 15.96 27.08 9.71
C ILE A 173 15.96 26.48 11.09
N THR A 174 15.51 25.22 11.17
CA THR A 174 15.50 24.54 12.45
C THR A 174 16.46 23.36 12.29
N VAL A 175 17.47 23.35 13.16
CA VAL A 175 18.52 22.34 13.15
C VAL A 175 18.31 21.22 14.17
N PHE A 176 18.16 19.99 13.69
CA PHE A 176 17.98 18.87 14.60
C PHE A 176 19.33 18.22 14.96
N PRO A 177 19.33 17.18 15.81
CA PRO A 177 20.60 16.53 16.20
C PRO A 177 21.45 16.03 15.04
N GLN A 178 22.76 16.25 15.15
CA GLN A 178 23.70 15.83 14.12
C GLN A 178 23.79 14.32 14.03
N ARG A 179 24.21 13.82 12.88
CA ARG A 179 24.36 12.39 12.69
C ARG A 179 25.48 11.90 13.61
N SER A 180 25.20 10.88 14.41
CA SER A 180 26.22 10.36 15.32
C SER A 180 26.98 9.18 14.75
N ASP A 181 26.39 7.99 14.86
CA ASP A 181 27.03 6.79 14.37
C ASP A 181 26.71 6.69 12.89
N GLY A 182 25.49 7.08 12.55
CA GLY A 182 25.06 7.03 11.18
C GLY A 182 23.79 6.20 11.09
N LYS A 183 23.39 5.64 12.22
CA LYS A 183 22.17 4.84 12.26
C LYS A 183 21.18 5.44 13.25
N HIS A 184 21.46 6.68 13.65
CA HIS A 184 20.60 7.43 14.56
C HIS A 184 20.30 8.81 13.95
N ASP A 185 19.96 8.79 12.65
CA ASP A 185 19.65 10.00 11.89
C ASP A 185 18.23 10.51 12.04
N PHE A 186 18.11 11.81 12.33
CA PHE A 186 16.81 12.45 12.39
C PHE A 186 16.60 12.83 10.92
N ARG A 187 15.42 12.57 10.37
CA ARG A 187 15.20 12.90 8.98
C ARG A 187 13.75 13.15 8.60
N LEU A 188 13.52 14.19 7.80
CA LEU A 188 12.19 14.49 7.31
C LEU A 188 12.12 13.78 5.97
N TRP A 189 11.13 12.93 5.79
CA TRP A 189 10.97 12.20 4.54
C TRP A 189 10.37 13.07 3.44
N ASN A 190 9.81 14.22 3.82
CA ASN A 190 9.21 15.12 2.84
C ASN A 190 10.27 15.90 2.05
N SER A 191 9.91 16.34 0.85
CA SER A 191 10.83 17.11 0.02
C SER A 191 10.84 18.50 0.64
N GLN A 192 9.64 19.04 0.87
CA GLN A 192 9.46 20.35 1.50
C GLN A 192 8.38 20.27 2.57
N LEU A 193 8.36 21.24 3.48
CA LEU A 193 7.38 21.23 4.56
C LEU A 193 5.94 21.15 4.06
N ILE A 194 5.50 22.14 3.29
CA ILE A 194 4.14 22.13 2.77
C ILE A 194 4.22 21.67 1.32
N ARG A 195 3.32 20.78 0.93
CA ARG A 195 3.35 20.25 -0.43
C ARG A 195 2.03 19.50 -0.67
N TYR A 196 1.38 19.78 -1.80
CA TYR A 196 0.11 19.15 -2.14
C TYR A 196 0.30 17.74 -2.63
N ALA A 197 -0.63 16.86 -2.25
CA ALA A 197 -0.60 15.46 -2.65
C ALA A 197 -1.16 15.20 -4.03
N GLY A 198 -0.62 14.18 -4.69
CA GLY A 198 -1.09 13.81 -6.01
C GLY A 198 -1.63 12.39 -6.00
N TYR A 199 -2.86 12.21 -6.45
CA TYR A 199 -3.48 10.89 -6.48
C TYR A 199 -3.73 10.34 -7.86
N GLN A 200 -3.56 9.02 -7.98
CA GLN A 200 -3.83 8.33 -9.23
C GLN A 200 -5.33 7.99 -9.10
N MET A 201 -6.18 8.74 -9.80
CA MET A 201 -7.62 8.50 -9.72
C MET A 201 -8.01 7.19 -10.41
N PRO A 202 -9.16 6.63 -10.00
CA PRO A 202 -9.69 5.38 -10.54
C PRO A 202 -10.09 5.49 -12.01
N ASP A 203 -10.59 6.65 -12.42
CA ASP A 203 -10.98 6.84 -13.81
C ASP A 203 -9.75 7.01 -14.72
N GLY A 204 -8.57 6.83 -14.15
CA GLY A 204 -7.34 6.94 -14.91
C GLY A 204 -6.66 8.29 -14.86
N THR A 205 -7.40 9.34 -14.51
CA THR A 205 -6.83 10.67 -14.45
C THR A 205 -6.04 10.87 -13.15
N ILE A 206 -5.27 11.96 -13.10
CA ILE A 206 -4.48 12.29 -11.93
C ILE A 206 -4.96 13.60 -11.31
N ARG A 207 -5.25 13.60 -10.02
CA ARG A 207 -5.72 14.80 -9.35
C ARG A 207 -4.66 15.34 -8.41
N GLY A 208 -4.56 16.66 -8.36
CA GLY A 208 -3.58 17.30 -7.51
C GLY A 208 -2.22 17.36 -8.16
N ASP A 209 -1.18 17.35 -7.34
CA ASP A 209 0.19 17.43 -7.83
C ASP A 209 0.77 16.08 -8.25
N ALA A 210 0.77 15.83 -9.55
CA ALA A 210 1.30 14.58 -10.09
C ALA A 210 2.73 14.32 -9.66
N ALA A 211 3.44 15.36 -9.25
CA ALA A 211 4.82 15.19 -8.84
C ALA A 211 4.95 14.45 -7.52
N THR A 212 3.88 14.39 -6.72
CA THR A 212 3.97 13.69 -5.44
C THR A 212 3.28 12.33 -5.39
N LEU A 213 2.96 11.78 -6.55
CA LEU A 213 2.29 10.48 -6.64
C LEU A 213 2.86 9.38 -5.74
N GLU A 214 4.16 9.12 -5.81
CA GLU A 214 4.76 8.09 -4.99
C GLU A 214 4.69 8.43 -3.51
N PHE A 215 5.30 9.54 -3.13
CA PHE A 215 5.32 9.96 -1.73
C PHE A 215 3.89 9.94 -1.17
N THR A 216 2.90 10.26 -2.01
CA THR A 216 1.53 10.25 -1.54
C THR A 216 1.21 8.82 -1.15
N GLN A 217 1.51 7.89 -2.06
CA GLN A 217 1.27 6.49 -1.80
C GLN A 217 1.98 6.08 -0.53
N LEU A 218 3.22 6.53 -0.35
CA LEU A 218 3.97 6.19 0.85
C LEU A 218 3.22 6.59 2.12
N CYS A 219 2.58 7.75 2.09
CA CYS A 219 1.82 8.24 3.23
C CYS A 219 0.56 7.40 3.38
N ILE A 220 -0.03 6.99 2.25
CA ILE A 220 -1.22 6.17 2.29
C ILE A 220 -0.80 4.88 2.97
N ASP A 221 0.35 4.36 2.55
CA ASP A 221 0.88 3.12 3.09
C ASP A 221 1.22 3.20 4.55
N LEU A 222 1.34 4.42 5.07
CA LEU A 222 1.68 4.59 6.48
C LEU A 222 0.44 4.92 7.31
N GLY A 223 -0.72 4.66 6.72
CA GLY A 223 -1.97 4.91 7.43
C GLY A 223 -2.60 6.28 7.26
N TRP A 224 -2.10 7.07 6.33
CA TRP A 224 -2.65 8.40 6.11
C TRP A 224 -3.89 8.27 5.24
N LYS A 225 -4.93 9.03 5.61
CA LYS A 225 -6.19 9.02 4.90
C LYS A 225 -6.22 10.04 3.75
N PRO A 226 -6.31 9.56 2.51
CA PRO A 226 -6.36 10.44 1.33
C PRO A 226 -7.69 11.18 1.27
N ARG A 227 -7.65 12.43 0.82
CA ARG A 227 -8.86 13.22 0.72
C ARG A 227 -9.25 13.41 -0.75
N TYR A 228 -8.45 12.80 -1.63
CA TYR A 228 -8.70 12.86 -3.06
C TYR A 228 -9.06 14.24 -3.58
N GLY A 229 -8.26 15.23 -3.21
CA GLY A 229 -8.51 16.60 -3.66
C GLY A 229 -7.40 17.10 -4.57
N ARG A 230 -7.53 18.33 -5.05
CA ARG A 230 -6.53 18.91 -5.93
C ARG A 230 -5.45 19.61 -5.12
N PHE A 231 -5.78 20.01 -3.89
CA PHE A 231 -4.82 20.72 -3.05
C PHE A 231 -4.80 20.25 -1.60
N ASP A 232 -4.60 18.95 -1.39
CA ASP A 232 -4.55 18.43 -0.04
C ASP A 232 -3.12 18.48 0.47
N VAL A 233 -2.88 19.24 1.52
CA VAL A 233 -1.56 19.34 2.10
C VAL A 233 -1.14 17.98 2.65
N LEU A 234 -0.02 17.45 2.14
CA LEU A 234 0.48 16.17 2.60
C LEU A 234 0.92 16.27 4.04
N PRO A 235 1.03 15.13 4.74
CA PRO A 235 1.46 15.07 6.13
C PRO A 235 2.97 14.99 6.28
N LEU A 236 3.45 15.35 7.46
CA LEU A 236 4.86 15.26 7.74
C LEU A 236 5.14 13.78 8.04
N VAL A 237 6.22 13.26 7.49
CA VAL A 237 6.61 11.88 7.72
C VAL A 237 7.98 12.00 8.36
N LEU A 238 7.99 11.98 9.68
CA LEU A 238 9.20 12.15 10.45
C LEU A 238 9.79 10.88 11.06
N GLN A 239 11.12 10.85 11.11
CA GLN A 239 11.83 9.73 11.70
C GLN A 239 12.87 10.34 12.63
N ALA A 240 12.84 9.94 13.91
CA ALA A 240 13.80 10.47 14.88
C ALA A 240 14.79 9.39 15.32
N ASP A 241 15.96 9.83 15.78
CA ASP A 241 17.00 8.90 16.19
C ASP A 241 17.21 7.96 15.03
N GLY A 242 16.63 6.77 15.08
CA GLY A 242 16.80 5.88 13.95
C GLY A 242 15.50 5.18 13.65
N GLN A 243 14.56 5.32 14.58
CA GLN A 243 13.27 4.68 14.46
C GLN A 243 12.54 4.91 13.15
N ASP A 244 11.56 4.06 12.89
CA ASP A 244 10.77 4.17 11.68
C ASP A 244 10.09 5.54 11.66
N PRO A 245 9.62 5.95 10.47
CA PRO A 245 8.96 7.26 10.42
C PRO A 245 7.53 7.22 10.92
N GLU A 246 7.12 8.29 11.59
CA GLU A 246 5.76 8.42 12.09
C GLU A 246 5.10 9.53 11.30
N VAL A 247 3.82 9.37 11.00
CA VAL A 247 3.11 10.36 10.22
C VAL A 247 2.33 11.36 11.08
N PHE A 248 2.54 12.65 10.82
CA PHE A 248 1.86 13.72 11.53
C PHE A 248 1.20 14.66 10.52
N GLU A 249 -0.10 14.88 10.64
CA GLU A 249 -0.78 15.77 9.73
C GLU A 249 -0.50 17.18 10.18
N ILE A 250 -0.43 18.12 9.25
CA ILE A 250 -0.14 19.50 9.60
C ILE A 250 -1.41 20.26 9.99
N PRO A 251 -1.38 20.93 11.14
CA PRO A 251 -2.57 21.68 11.57
C PRO A 251 -2.94 22.71 10.51
N PRO A 252 -4.10 22.54 9.87
CA PRO A 252 -4.57 23.45 8.83
C PRO A 252 -4.50 24.93 9.17
N ASP A 253 -4.65 25.29 10.44
CA ASP A 253 -4.57 26.70 10.82
C ASP A 253 -3.17 27.24 10.55
N LEU A 254 -2.21 26.32 10.40
CA LEU A 254 -0.82 26.71 10.16
C LEU A 254 -0.43 26.86 8.69
N VAL A 255 -1.24 26.34 7.79
CA VAL A 255 -0.93 26.44 6.37
C VAL A 255 -1.63 27.58 5.64
N LEU A 256 -0.92 28.70 5.48
CA LEU A 256 -1.47 29.88 4.79
C LEU A 256 -1.49 29.65 3.29
N GLU A 257 -2.57 30.04 2.63
CA GLU A 257 -2.67 29.84 1.19
C GLU A 257 -3.12 31.12 0.49
N VAL A 258 -2.88 31.18 -0.82
CA VAL A 258 -3.28 32.32 -1.63
C VAL A 258 -4.17 31.80 -2.73
N THR A 259 -5.39 32.33 -2.84
CA THR A 259 -6.26 31.85 -3.92
C THR A 259 -5.94 32.70 -5.13
N MET A 260 -5.76 32.03 -6.26
CA MET A 260 -5.40 32.74 -7.48
C MET A 260 -6.53 33.47 -8.18
N GLU A 261 -6.24 34.71 -8.55
CA GLU A 261 -7.18 35.52 -9.28
C GLU A 261 -6.38 36.51 -10.14
N HIS A 262 -6.88 36.76 -11.34
CA HIS A 262 -6.24 37.69 -12.27
C HIS A 262 -6.84 39.10 -12.14
N PRO A 263 -5.99 40.14 -12.23
CA PRO A 263 -6.49 41.51 -12.11
C PRO A 263 -7.35 42.00 -13.26
N LYS A 264 -7.56 41.16 -14.28
CA LYS A 264 -8.38 41.53 -15.44
C LYS A 264 -9.36 40.44 -15.84
N TYR A 265 -8.87 39.25 -16.11
CA TYR A 265 -9.76 38.16 -16.49
C TYR A 265 -10.47 37.64 -15.25
N GLU A 266 -11.74 37.96 -15.10
CA GLU A 266 -12.50 37.50 -13.94
C GLU A 266 -12.76 36.00 -13.95
N TRP A 267 -12.51 35.36 -15.08
CA TRP A 267 -12.71 33.92 -15.19
C TRP A 267 -11.49 33.18 -14.65
N PHE A 268 -10.43 33.92 -14.28
CA PHE A 268 -9.25 33.23 -13.79
C PHE A 268 -9.55 32.43 -12.54
N GLN A 269 -10.26 33.03 -11.59
CA GLN A 269 -10.60 32.32 -10.37
C GLN A 269 -11.50 31.13 -10.63
N GLU A 270 -12.18 31.13 -11.77
CA GLU A 270 -13.04 30.02 -12.12
C GLU A 270 -12.19 28.76 -12.23
N LEU A 271 -10.90 28.95 -12.38
CA LEU A 271 -9.95 27.84 -12.49
C LEU A 271 -9.79 27.19 -11.11
N GLY A 272 -10.14 27.94 -10.07
CA GLY A 272 -10.04 27.44 -8.71
C GLY A 272 -8.64 27.07 -8.27
N LEU A 273 -7.66 27.90 -8.62
CA LEU A 273 -6.28 27.64 -8.26
C LEU A 273 -5.86 28.38 -7.02
N LYS A 274 -4.87 27.81 -6.34
CA LYS A 274 -4.30 28.41 -5.15
C LYS A 274 -2.98 27.71 -4.91
N TRP A 275 -2.17 28.27 -4.02
CA TRP A 275 -0.88 27.67 -3.70
C TRP A 275 -0.51 28.08 -2.28
N TYR A 276 0.37 27.30 -1.64
CA TYR A 276 0.78 27.65 -0.28
C TYR A 276 1.77 28.81 -0.32
N ALA A 277 1.83 29.58 0.75
CA ALA A 277 2.71 30.72 0.81
C ALA A 277 4.11 30.41 1.31
N LEU A 278 4.28 29.23 1.91
CA LEU A 278 5.55 28.89 2.49
C LEU A 278 6.43 27.91 1.73
N PRO A 279 7.56 28.39 1.20
CA PRO A 279 8.49 27.54 0.45
C PRO A 279 9.56 27.09 1.45
N ALA A 280 9.54 25.80 1.80
CA ALA A 280 10.51 25.32 2.78
C ALA A 280 11.12 23.98 2.43
N VAL A 281 12.45 23.95 2.33
CA VAL A 281 13.19 22.74 2.03
C VAL A 281 13.15 21.84 3.26
N ALA A 282 12.91 20.55 3.06
CA ALA A 282 12.82 19.65 4.20
C ALA A 282 13.84 18.52 4.27
N ASN A 283 14.35 18.12 3.10
CA ASN A 283 15.27 16.98 3.04
C ASN A 283 16.76 17.19 2.79
N MET A 284 17.31 18.38 3.04
CA MET A 284 18.73 18.54 2.77
C MET A 284 19.63 18.35 3.99
N LEU A 285 20.93 18.18 3.73
CA LEU A 285 21.88 17.97 4.82
C LEU A 285 22.85 19.13 4.96
N LEU A 286 23.11 19.53 6.19
CA LEU A 286 24.02 20.63 6.45
C LEU A 286 25.41 20.18 6.94
N GLU A 287 26.39 20.21 6.04
CA GLU A 287 27.75 19.82 6.39
C GLU A 287 28.52 21.04 6.91
N VAL A 288 29.18 20.87 8.06
CA VAL A 288 29.96 21.94 8.64
C VAL A 288 31.02 21.42 9.61
N GLY A 289 32.27 21.74 9.34
CA GLY A 289 33.37 21.31 10.19
C GLY A 289 33.38 19.83 10.48
N GLY A 290 33.14 19.04 9.43
CA GLY A 290 33.15 17.60 9.60
C GLY A 290 31.83 17.05 10.11
N LEU A 291 31.01 17.92 10.67
CA LEU A 291 29.71 17.53 11.21
C LEU A 291 28.68 17.51 10.10
N GLU A 292 27.66 16.68 10.29
CA GLU A 292 26.58 16.55 9.33
C GLU A 292 25.23 16.59 10.04
N PHE A 293 24.29 17.33 9.49
CA PHE A 293 22.95 17.42 10.05
C PHE A 293 21.96 16.97 8.98
N PRO A 294 21.61 15.68 8.97
CA PRO A 294 20.68 15.11 7.99
C PRO A 294 19.24 15.64 8.09
N ALA A 295 18.96 16.50 9.05
CA ALA A 295 17.62 17.07 9.19
C ALA A 295 17.75 18.51 9.68
N CYS A 296 17.46 19.45 8.78
CA CYS A 296 17.56 20.89 9.09
C CYS A 296 16.70 21.70 8.12
N PRO A 297 15.37 21.52 8.18
CA PRO A 297 14.52 22.28 7.26
C PRO A 297 14.72 23.79 7.32
N PHE A 298 14.65 24.44 6.17
CA PHE A 298 14.81 25.89 6.10
C PHE A 298 13.91 26.47 5.03
N ASN A 299 13.63 27.77 5.16
CA ASN A 299 12.74 28.43 4.21
C ASN A 299 13.12 29.89 3.95
N GLY A 300 12.68 30.37 2.79
CA GLY A 300 12.87 31.75 2.39
C GLY A 300 11.45 32.11 2.02
N TRP A 301 11.26 32.85 0.93
CA TRP A 301 9.92 33.18 0.44
C TRP A 301 9.91 32.89 -1.05
N TYR A 302 8.74 32.92 -1.67
CA TYR A 302 8.61 32.60 -3.10
C TYR A 302 9.02 33.66 -4.15
N MET A 303 9.32 33.16 -5.35
CA MET A 303 9.61 34.00 -6.50
C MET A 303 8.47 33.57 -7.40
N GLY A 304 7.66 34.53 -7.83
CA GLY A 304 6.50 34.23 -8.65
C GLY A 304 6.56 33.13 -9.71
N THR A 305 7.61 33.11 -10.50
CA THR A 305 7.74 32.13 -11.57
C THR A 305 7.74 30.67 -11.11
N GLU A 306 8.11 30.42 -9.86
CA GLU A 306 8.15 29.05 -9.35
C GLU A 306 6.75 28.46 -9.46
N ILE A 307 5.77 29.25 -9.01
CA ILE A 307 4.39 28.84 -9.02
C ILE A 307 3.77 29.06 -10.40
N GLY A 308 3.86 30.30 -10.87
CA GLY A 308 3.31 30.63 -12.17
C GLY A 308 3.82 29.78 -13.31
N VAL A 309 5.13 29.58 -13.38
CA VAL A 309 5.71 28.81 -14.48
C VAL A 309 5.90 27.32 -14.20
N ARG A 310 6.66 27.01 -13.16
CA ARG A 310 6.93 25.61 -12.86
C ARG A 310 5.74 24.81 -12.36
N ASP A 311 5.22 25.20 -11.20
CA ASP A 311 4.08 24.51 -10.62
C ASP A 311 2.83 24.48 -11.49
N PHE A 312 2.44 25.63 -12.07
CA PHE A 312 1.24 25.68 -12.90
C PHE A 312 1.36 25.33 -14.38
N CYS A 313 2.57 25.47 -14.95
CA CYS A 313 2.71 25.18 -16.38
C CYS A 313 3.57 23.99 -16.79
N ASP A 314 4.26 23.36 -15.85
CA ASP A 314 5.02 22.19 -16.22
C ASP A 314 4.03 21.12 -16.67
N THR A 315 4.43 20.35 -17.68
CA THR A 315 3.62 19.28 -18.20
C THR A 315 3.34 18.27 -17.08
N GLN A 316 4.41 17.92 -16.35
CA GLN A 316 4.37 16.96 -15.26
C GLN A 316 3.80 17.53 -13.93
N ARG A 317 3.15 18.69 -14.00
CA ARG A 317 2.57 19.27 -12.79
C ARG A 317 1.09 19.57 -13.01
N TYR A 318 0.64 20.75 -12.61
CA TYR A 318 -0.76 21.09 -12.77
C TYR A 318 -1.15 21.33 -14.23
N ASN A 319 -0.15 21.59 -15.08
CA ASN A 319 -0.34 21.75 -16.51
C ASN A 319 -1.58 22.56 -16.95
N ILE A 320 -1.70 23.80 -16.51
CA ILE A 320 -2.85 24.64 -16.86
C ILE A 320 -2.71 25.54 -18.11
N LEU A 321 -1.58 25.42 -18.83
CA LEU A 321 -1.33 26.26 -20.02
C LEU A 321 -2.39 26.29 -21.13
N GLU A 322 -2.78 25.13 -21.65
CA GLU A 322 -3.78 25.10 -22.71
C GLU A 322 -5.10 25.73 -22.26
N GLU A 323 -5.57 25.33 -21.08
CA GLU A 323 -6.80 25.84 -20.51
C GLU A 323 -6.79 27.36 -20.43
N VAL A 324 -5.66 27.93 -20.01
CA VAL A 324 -5.57 29.38 -19.91
C VAL A 324 -5.50 29.98 -21.32
N GLY A 325 -4.95 29.20 -22.25
CA GLY A 325 -4.85 29.68 -23.61
C GLY A 325 -6.23 29.86 -24.23
N ARG A 326 -7.04 28.81 -24.19
CA ARG A 326 -8.40 28.83 -24.75
C ARG A 326 -9.21 29.95 -24.14
N ARG A 327 -9.14 30.09 -22.83
CA ARG A 327 -9.89 31.13 -22.14
C ARG A 327 -9.48 32.52 -22.58
N MET A 328 -8.25 32.68 -23.05
CA MET A 328 -7.77 33.97 -23.51
C MET A 328 -8.12 34.21 -24.97
N GLY A 329 -8.63 33.17 -25.63
CA GLY A 329 -9.02 33.30 -27.03
C GLY A 329 -7.87 33.17 -28.02
N LEU A 330 -6.75 32.62 -27.57
CA LEU A 330 -5.58 32.45 -28.40
C LEU A 330 -5.68 31.28 -29.39
N GLU A 331 -4.69 31.19 -30.28
CA GLU A 331 -4.64 30.14 -31.30
C GLU A 331 -3.86 28.95 -30.76
N THR A 332 -4.48 28.27 -29.80
CA THR A 332 -3.91 27.10 -29.14
C THR A 332 -3.37 26.00 -30.03
N HIS A 333 -3.69 26.04 -31.31
CA HIS A 333 -3.22 25.01 -32.23
C HIS A 333 -2.11 25.44 -33.17
N THR A 334 -1.50 26.58 -32.89
CA THR A 334 -0.44 27.12 -33.73
C THR A 334 0.72 27.58 -32.86
N LEU A 335 1.72 26.72 -32.67
CA LEU A 335 2.88 27.08 -31.85
C LEU A 335 3.44 28.44 -32.25
N ALA A 336 3.57 28.65 -33.57
CA ALA A 336 4.12 29.89 -34.11
C ALA A 336 3.42 31.16 -33.65
N SER A 337 2.19 31.04 -33.16
CA SER A 337 1.45 32.20 -32.69
C SER A 337 2.01 32.72 -31.37
N LEU A 338 2.83 31.91 -30.72
CA LEU A 338 3.41 32.28 -29.43
C LEU A 338 2.33 32.47 -28.37
N TRP A 339 1.27 31.66 -28.44
CA TRP A 339 0.18 31.74 -27.48
C TRP A 339 0.66 31.34 -26.11
N LYS A 340 1.62 30.43 -26.07
CA LYS A 340 2.16 29.99 -24.79
C LYS A 340 2.87 31.14 -24.07
N ASP A 341 3.62 31.94 -24.82
CA ASP A 341 4.34 33.06 -24.21
C ASP A 341 3.34 34.06 -23.65
N ARG A 342 2.15 34.10 -24.23
CA ARG A 342 1.14 35.01 -23.78
C ARG A 342 0.45 34.52 -22.51
N ALA A 343 0.02 33.26 -22.53
CA ALA A 343 -0.67 32.66 -21.39
C ALA A 343 0.19 32.70 -20.14
N VAL A 344 1.41 32.18 -20.26
CA VAL A 344 2.32 32.14 -19.12
C VAL A 344 2.53 33.49 -18.49
N THR A 345 2.52 34.54 -19.29
CA THR A 345 2.72 35.85 -18.71
C THR A 345 1.52 36.25 -17.85
N GLU A 346 0.31 35.90 -18.30
CA GLU A 346 -0.90 36.22 -17.55
C GLU A 346 -1.00 35.39 -16.27
N ILE A 347 -0.54 34.14 -16.34
CA ILE A 347 -0.54 33.28 -15.17
C ILE A 347 0.40 33.90 -14.15
N ASN A 348 1.55 34.38 -14.62
CA ASN A 348 2.54 35.01 -13.74
C ASN A 348 2.00 36.26 -13.07
N VAL A 349 1.24 37.06 -13.82
CA VAL A 349 0.70 38.27 -13.22
C VAL A 349 -0.35 37.89 -12.16
N ALA A 350 -1.12 36.83 -12.43
CA ALA A 350 -2.13 36.39 -11.49
C ALA A 350 -1.47 36.05 -10.16
N VAL A 351 -0.45 35.19 -10.23
CA VAL A 351 0.27 34.78 -9.04
C VAL A 351 0.76 36.00 -8.31
N LEU A 352 1.52 36.84 -9.01
CA LEU A 352 2.06 38.06 -8.41
C LEU A 352 0.96 38.89 -7.79
N HIS A 353 -0.08 39.14 -8.57
CA HIS A 353 -1.24 39.92 -8.12
C HIS A 353 -1.92 39.32 -6.89
N SER A 354 -2.22 38.02 -6.96
CA SER A 354 -2.87 37.36 -5.83
C SER A 354 -2.09 37.43 -4.53
N PHE A 355 -0.78 37.20 -4.59
CA PHE A 355 0.03 37.28 -3.37
C PHE A 355 0.02 38.70 -2.83
N GLN A 356 0.15 39.68 -3.72
CA GLN A 356 0.16 41.08 -3.29
C GLN A 356 -1.16 41.48 -2.64
N LYS A 357 -2.26 41.14 -3.31
CA LYS A 357 -3.57 41.46 -2.81
C LYS A 357 -3.82 40.86 -1.44
N GLN A 358 -3.26 39.70 -1.19
CA GLN A 358 -3.44 39.05 0.10
C GLN A 358 -2.33 39.27 1.12
N ASN A 359 -1.47 40.26 0.83
CA ASN A 359 -0.37 40.62 1.71
C ASN A 359 0.55 39.46 2.10
N VAL A 360 0.97 38.70 1.09
CA VAL A 360 1.86 37.57 1.31
C VAL A 360 3.13 37.83 0.52
N THR A 361 4.25 37.94 1.24
CA THR A 361 5.54 38.19 0.63
C THR A 361 5.81 37.35 -0.63
N ILE A 362 6.33 38.02 -1.65
CA ILE A 362 6.68 37.35 -2.89
C ILE A 362 7.52 38.32 -3.70
N MET A 363 8.28 37.80 -4.65
CA MET A 363 9.13 38.66 -5.47
C MET A 363 9.07 38.24 -6.94
N ASP A 364 9.06 39.23 -7.83
CA ASP A 364 9.04 38.94 -9.25
C ASP A 364 10.45 38.53 -9.64
N HIS A 365 10.59 37.80 -10.72
CA HIS A 365 11.89 37.31 -11.14
C HIS A 365 12.87 38.36 -11.66
N HIS A 366 12.37 39.55 -11.99
CA HIS A 366 13.22 40.63 -12.49
C HIS A 366 13.92 41.33 -11.34
N THR A 367 13.14 41.67 -10.30
CA THR A 367 13.72 42.32 -9.14
C THR A 367 14.62 41.30 -8.46
N ALA A 368 14.25 40.03 -8.58
CA ALA A 368 15.03 38.97 -7.95
C ALA A 368 16.38 38.87 -8.63
N SER A 369 16.36 38.94 -9.95
CA SER A 369 17.57 38.85 -10.74
C SER A 369 18.51 40.00 -10.43
N GLU A 370 17.99 41.22 -10.36
CA GLU A 370 18.82 42.38 -10.07
C GLU A 370 19.40 42.24 -8.66
N SER A 371 18.56 41.78 -7.75
CA SER A 371 18.92 41.56 -6.36
C SER A 371 20.18 40.69 -6.28
N PHE A 372 20.15 39.57 -7.01
CA PHE A 372 21.28 38.67 -7.00
C PHE A 372 22.55 39.31 -7.55
N MET A 373 22.41 40.04 -8.66
CA MET A 373 23.56 40.68 -9.28
C MET A 373 24.27 41.57 -8.25
N LYS A 374 23.49 42.29 -7.45
CA LYS A 374 24.06 43.15 -6.42
C LYS A 374 24.75 42.30 -5.36
N HIS A 375 24.16 41.15 -5.05
CA HIS A 375 24.74 40.25 -4.06
C HIS A 375 26.09 39.74 -4.52
N MET A 376 26.12 39.23 -5.74
CA MET A 376 27.32 38.69 -6.35
C MET A 376 28.46 39.71 -6.35
N GLN A 377 28.16 40.94 -6.77
CA GLN A 377 29.20 41.95 -6.80
C GLN A 377 29.68 42.24 -5.37
N ASN A 378 28.76 42.26 -4.40
CA ASN A 378 29.15 42.50 -3.02
C ASN A 378 30.00 41.33 -2.58
N GLU A 379 29.60 40.14 -2.97
CA GLU A 379 30.30 38.92 -2.60
C GLU A 379 31.73 38.86 -3.14
N TYR A 380 31.94 39.28 -4.38
CA TYR A 380 33.28 39.26 -4.96
C TYR A 380 34.20 40.24 -4.25
N ARG A 381 33.69 41.42 -3.91
CA ARG A 381 34.50 42.41 -3.23
C ARG A 381 34.91 41.90 -1.85
N ALA A 382 33.92 41.45 -1.06
CA ALA A 382 34.14 40.95 0.29
C ALA A 382 35.00 39.71 0.38
N ARG A 383 34.85 38.78 -0.55
CA ARG A 383 35.67 37.58 -0.48
C ARG A 383 36.07 36.97 -1.82
N GLY A 384 36.17 37.84 -2.83
CA GLY A 384 36.58 37.43 -4.16
C GLY A 384 35.95 36.18 -4.76
N GLY A 385 34.63 36.16 -4.84
CA GLY A 385 33.97 35.01 -5.41
C GLY A 385 32.57 34.79 -4.88
N CYS A 386 31.83 33.95 -5.58
CA CYS A 386 30.47 33.61 -5.21
C CYS A 386 30.07 32.40 -6.04
N PRO A 387 29.94 31.24 -5.40
CA PRO A 387 29.56 30.07 -6.20
C PRO A 387 28.16 30.27 -6.81
N ALA A 388 28.06 30.14 -8.12
CA ALA A 388 26.80 30.34 -8.80
C ALA A 388 26.53 29.34 -9.92
N ASP A 389 25.36 28.73 -9.89
CA ASP A 389 24.95 27.76 -10.89
C ASP A 389 23.97 28.44 -11.85
N TRP A 390 24.50 28.96 -12.95
CA TRP A 390 23.74 29.67 -13.97
C TRP A 390 22.44 28.94 -14.35
N ILE A 391 22.53 27.64 -14.56
CA ILE A 391 21.36 26.85 -14.96
C ILE A 391 20.19 26.98 -13.98
N TRP A 392 20.48 27.25 -12.72
CA TRP A 392 19.40 27.41 -11.75
C TRP A 392 19.06 28.88 -11.48
N LEU A 393 20.05 29.74 -11.59
CA LEU A 393 19.83 31.16 -11.35
C LEU A 393 19.03 31.89 -12.42
N VAL A 394 19.06 31.40 -13.66
CA VAL A 394 18.29 32.05 -14.72
C VAL A 394 16.84 31.54 -14.65
N PRO A 395 15.85 32.45 -14.51
CA PRO A 395 14.43 32.11 -14.41
C PRO A 395 13.91 31.27 -15.57
N PRO A 396 12.83 30.49 -15.32
CA PRO A 396 12.24 29.63 -16.35
C PRO A 396 11.53 30.40 -17.49
N VAL A 397 11.56 31.73 -17.42
CA VAL A 397 10.97 32.58 -18.47
C VAL A 397 11.71 33.91 -18.52
N SER A 398 11.74 34.52 -19.70
CA SER A 398 12.41 35.79 -19.90
C SER A 398 13.89 35.78 -19.48
N GLY A 399 14.56 34.67 -19.75
CA GLY A 399 15.96 34.50 -19.39
C GLY A 399 16.91 35.65 -19.68
N SER A 400 17.13 35.97 -20.95
CA SER A 400 18.05 37.05 -21.28
C SER A 400 17.50 38.43 -20.95
N ILE A 401 16.20 38.54 -20.68
CA ILE A 401 15.64 39.84 -20.31
C ILE A 401 16.12 40.10 -18.89
N THR A 402 16.88 39.15 -18.35
CA THR A 402 17.39 39.23 -16.99
C THR A 402 18.91 39.48 -16.97
N PRO A 403 19.41 40.13 -15.93
CA PRO A 403 20.86 40.40 -15.85
C PRO A 403 21.75 39.17 -15.66
N VAL A 404 21.30 38.20 -14.86
CA VAL A 404 22.12 37.03 -14.60
C VAL A 404 22.40 36.18 -15.84
N PHE A 405 21.56 36.30 -16.85
CA PHE A 405 21.75 35.55 -18.09
C PHE A 405 23.06 35.94 -18.77
N HIS A 406 23.44 37.21 -18.65
CA HIS A 406 24.66 37.70 -19.30
C HIS A 406 25.88 37.67 -18.40
N GLN A 407 25.71 37.14 -17.22
CA GLN A 407 26.78 37.04 -16.25
C GLN A 407 27.40 35.65 -16.25
N GLU A 408 28.71 35.58 -16.53
CA GLU A 408 29.39 34.30 -16.50
C GLU A 408 29.63 33.99 -15.02
N MET A 409 29.57 32.72 -14.66
CA MET A 409 29.77 32.36 -13.27
C MET A 409 30.37 30.98 -13.07
N LEU A 410 31.04 30.83 -11.92
CA LEU A 410 31.70 29.60 -11.55
C LEU A 410 30.90 28.88 -10.47
N ASN A 411 30.71 27.58 -10.68
CA ASN A 411 29.96 26.76 -9.74
C ASN A 411 30.86 25.75 -9.02
N TYR A 412 31.17 26.03 -7.77
CA TYR A 412 31.99 25.14 -6.96
C TYR A 412 31.39 24.90 -5.57
N VAL A 413 31.72 23.74 -5.00
CA VAL A 413 31.20 23.34 -3.70
C VAL A 413 32.16 23.67 -2.53
N LEU A 414 31.80 24.66 -1.73
CA LEU A 414 32.62 25.04 -0.59
C LEU A 414 32.10 24.27 0.66
N SER A 415 32.37 24.85 1.84
CA SER A 415 31.92 24.29 3.11
C SER A 415 31.99 25.43 4.11
N PRO A 416 30.99 25.55 4.99
CA PRO A 416 29.81 24.67 5.08
C PRO A 416 28.97 24.65 3.80
N PHE A 417 28.09 23.65 3.70
CA PHE A 417 27.31 23.49 2.49
C PHE A 417 26.05 22.66 2.72
N TYR A 418 25.00 22.96 1.97
CA TYR A 418 23.76 22.22 2.05
C TYR A 418 23.79 21.19 0.94
N TYR A 419 23.85 19.91 1.31
CA TYR A 419 23.89 18.84 0.32
C TYR A 419 22.53 18.17 0.17
N TYR A 420 22.39 17.42 -0.92
CA TYR A 420 21.18 16.64 -1.15
C TYR A 420 21.49 15.33 -0.44
N GLN A 421 20.51 14.45 -0.30
CA GLN A 421 20.72 13.18 0.37
C GLN A 421 19.93 12.13 -0.39
N ILE A 422 20.31 10.88 -0.26
CA ILE A 422 19.56 9.82 -0.92
C ILE A 422 18.21 9.70 -0.23
N GLU A 423 17.17 9.52 -1.02
CA GLU A 423 15.82 9.40 -0.47
C GLU A 423 15.85 8.31 0.60
N PRO A 424 15.40 8.66 1.82
CA PRO A 424 15.37 7.73 2.96
C PRO A 424 14.69 6.39 2.75
N TRP A 425 13.49 6.40 2.18
CA TRP A 425 12.75 5.16 1.95
C TRP A 425 13.52 4.16 1.11
N LYS A 426 14.65 4.59 0.56
CA LYS A 426 15.47 3.71 -0.26
C LYS A 426 16.53 3.02 0.59
N THR A 427 17.20 3.79 1.44
CA THR A 427 18.24 3.25 2.30
C THR A 427 17.87 3.40 3.76
N HIS A 428 16.98 2.55 4.23
CA HIS A 428 16.52 2.56 5.61
C HIS A 428 15.81 1.26 5.90
N ILE A 429 16.20 0.60 6.98
CA ILE A 429 15.55 -0.66 7.32
C ILE A 429 14.62 -0.46 8.51
N TRP A 430 13.43 -1.04 8.43
CA TRP A 430 12.42 -0.90 9.48
C TRP A 430 12.58 -1.76 10.73
N GLN B 12 -10.15 -15.93 32.03
CA GLN B 12 -10.23 -14.57 31.41
C GLN B 12 -11.65 -14.30 30.89
N TYR B 13 -11.87 -14.58 29.62
CA TYR B 13 -13.19 -14.40 28.98
C TYR B 13 -13.24 -15.14 27.66
N VAL B 14 -14.29 -14.89 26.89
CA VAL B 14 -14.46 -15.50 25.57
C VAL B 14 -14.87 -14.41 24.59
N ARG B 15 -14.18 -14.40 23.46
CA ARG B 15 -14.42 -13.41 22.42
C ARG B 15 -15.56 -13.88 21.51
N ILE B 16 -16.54 -12.99 21.29
CA ILE B 16 -17.69 -13.28 20.46
C ILE B 16 -17.83 -12.21 19.37
N LYS B 17 -18.01 -12.64 18.12
CA LYS B 17 -18.10 -11.70 17.02
C LYS B 17 -19.47 -11.67 16.32
N ASN B 18 -19.80 -10.49 15.79
CA ASN B 18 -21.04 -10.28 15.06
C ASN B 18 -20.67 -9.94 13.63
N TRP B 19 -20.73 -10.94 12.76
CA TRP B 19 -20.35 -10.77 11.37
C TRP B 19 -21.15 -9.74 10.57
N GLY B 20 -22.20 -9.20 11.18
CA GLY B 20 -22.97 -8.21 10.46
C GLY B 20 -22.30 -6.85 10.64
N SER B 21 -21.98 -6.53 11.88
CA SER B 21 -21.37 -5.26 12.23
C SER B 21 -19.86 -5.37 12.51
N GLY B 22 -19.37 -6.60 12.57
CA GLY B 22 -17.95 -6.79 12.83
C GLY B 22 -17.61 -6.50 14.28
N GLU B 23 -18.59 -6.02 15.03
CA GLU B 23 -18.40 -5.69 16.43
C GLU B 23 -18.01 -6.92 17.25
N ILE B 24 -17.33 -6.70 18.36
CA ILE B 24 -16.89 -7.79 19.23
C ILE B 24 -17.33 -7.57 20.67
N LEU B 25 -17.54 -8.66 21.38
CA LEU B 25 -17.96 -8.63 22.78
C LEU B 25 -17.13 -9.64 23.55
N HIS B 26 -16.93 -9.39 24.84
CA HIS B 26 -16.15 -10.31 25.66
C HIS B 26 -17.04 -10.91 26.74
N ASP B 27 -17.27 -12.21 26.67
CA ASP B 27 -18.13 -12.84 27.67
C ASP B 27 -17.40 -13.24 28.94
N THR B 28 -17.87 -12.70 30.05
CA THR B 28 -17.28 -12.97 31.35
C THR B 28 -18.26 -13.83 32.14
N LEU B 29 -19.53 -13.47 32.04
CA LEU B 29 -20.61 -14.13 32.74
C LEU B 29 -20.55 -15.66 32.70
N HIS B 30 -20.08 -16.21 31.59
CA HIS B 30 -20.01 -17.66 31.43
C HIS B 30 -19.24 -18.39 32.53
N HIS B 31 -18.49 -17.65 33.35
CA HIS B 31 -17.76 -18.28 34.44
C HIS B 31 -18.71 -18.71 35.55
N LYS B 32 -19.83 -18.00 35.67
CA LYS B 32 -20.82 -18.31 36.70
C LYS B 32 -21.62 -19.55 36.28
N ALA B 33 -21.26 -20.11 35.13
CA ALA B 33 -21.93 -21.28 34.58
C ALA B 33 -22.06 -22.43 35.57
N THR B 34 -23.08 -23.24 35.38
CA THR B 34 -23.34 -24.39 36.24
C THR B 34 -22.13 -25.33 36.26
N CYS B 44 -20.63 -24.43 25.90
CA CYS B 44 -20.86 -24.80 24.47
C CYS B 44 -20.44 -23.67 23.54
N LEU B 45 -19.60 -24.01 22.57
CA LEU B 45 -19.10 -23.05 21.57
C LEU B 45 -19.68 -23.39 20.20
N GLY B 46 -20.95 -23.77 20.18
CA GLY B 46 -21.61 -24.15 18.93
C GLY B 46 -21.87 -23.06 17.91
N SER B 47 -22.22 -21.87 18.36
CA SER B 47 -22.51 -20.77 17.46
C SER B 47 -21.29 -20.02 16.89
N ILE B 48 -20.09 -20.46 17.24
CA ILE B 48 -18.86 -19.81 16.75
C ILE B 48 -18.52 -20.21 15.31
N MET B 49 -18.08 -19.23 14.52
CA MET B 49 -17.72 -19.45 13.12
C MET B 49 -16.42 -20.25 12.91
N ASN B 50 -15.31 -19.68 13.36
CA ASN B 50 -13.99 -20.30 13.22
C ASN B 50 -13.35 -20.71 14.55
N PRO B 51 -13.96 -21.70 15.24
CA PRO B 51 -13.38 -22.12 16.52
C PRO B 51 -12.00 -22.77 16.34
N LYS B 52 -11.22 -22.84 17.41
CA LYS B 52 -9.90 -23.43 17.32
C LYS B 52 -9.99 -24.93 17.06
N SER B 53 -11.03 -25.56 17.59
CA SER B 53 -11.22 -26.99 17.39
C SER B 53 -11.31 -27.34 15.91
N LEU B 54 -11.74 -26.38 15.09
CA LEU B 54 -11.88 -26.58 13.65
C LEU B 54 -10.72 -25.97 12.85
N THR B 55 -9.65 -25.60 13.54
CA THR B 55 -8.50 -25.00 12.87
C THR B 55 -7.25 -25.85 13.06
N ARG B 56 -6.42 -25.89 12.02
CA ARG B 56 -5.17 -26.62 12.06
C ARG B 56 -4.15 -25.58 11.59
N GLY B 57 -3.51 -24.93 12.56
CA GLY B 57 -2.55 -23.88 12.29
C GLY B 57 -1.19 -24.26 11.74
N PRO B 58 -0.26 -23.30 11.67
CA PRO B 58 1.13 -23.42 11.18
C PRO B 58 2.04 -24.40 11.92
N ARG B 59 3.32 -24.41 11.52
CA ARG B 59 4.34 -25.27 12.11
C ARG B 59 5.74 -24.70 11.92
N ASP B 60 6.68 -25.19 12.72
CA ASP B 60 8.09 -24.77 12.67
C ASP B 60 8.97 -25.96 12.35
N LYS B 61 8.50 -27.13 12.77
CA LYS B 61 9.22 -28.37 12.55
C LYS B 61 8.22 -29.47 12.22
N PRO B 62 8.71 -30.60 11.68
CA PRO B 62 7.89 -31.75 11.30
C PRO B 62 7.03 -32.30 12.43
N THR B 63 5.86 -32.80 12.07
CA THR B 63 4.98 -33.36 13.09
C THR B 63 5.71 -34.56 13.73
N PRO B 64 5.88 -34.52 15.06
CA PRO B 64 6.56 -35.59 15.81
C PRO B 64 6.07 -37.01 15.56
N LEU B 65 7.04 -37.91 15.41
CA LEU B 65 6.79 -39.31 15.15
C LEU B 65 5.73 -39.92 16.06
N GLU B 66 5.80 -39.61 17.35
CA GLU B 66 4.85 -40.15 18.32
C GLU B 66 3.38 -40.04 17.91
N GLU B 67 2.98 -38.85 17.46
CA GLU B 67 1.59 -38.65 17.07
C GLU B 67 1.32 -39.02 15.62
N LEU B 68 2.33 -38.86 14.77
CA LEU B 68 2.22 -39.15 13.34
C LEU B 68 1.99 -40.64 13.04
N LEU B 69 2.85 -41.49 13.60
CA LEU B 69 2.78 -42.93 13.39
C LEU B 69 1.42 -43.58 13.66
N PRO B 70 0.85 -43.36 14.86
CA PRO B 70 -0.46 -43.94 15.21
C PRO B 70 -1.59 -43.44 14.31
N HIS B 71 -1.45 -42.20 13.82
CA HIS B 71 -2.46 -41.63 12.93
C HIS B 71 -2.35 -42.35 11.58
N ALA B 72 -1.12 -42.46 11.09
CA ALA B 72 -0.84 -43.12 9.82
C ALA B 72 -1.41 -44.54 9.78
N ILE B 73 -1.15 -45.31 10.83
CA ILE B 73 -1.64 -46.69 10.92
C ILE B 73 -3.16 -46.70 10.85
N GLU B 74 -3.76 -45.77 11.58
CA GLU B 74 -5.21 -45.62 11.66
C GLU B 74 -5.80 -45.40 10.26
N PHE B 75 -5.23 -44.45 9.54
CA PHE B 75 -5.73 -44.17 8.19
C PHE B 75 -5.68 -45.41 7.31
N ILE B 76 -4.51 -46.03 7.26
CA ILE B 76 -4.32 -47.22 6.46
C ILE B 76 -5.35 -48.30 6.82
N ASN B 77 -5.52 -48.56 8.12
CA ASN B 77 -6.51 -49.57 8.52
C ASN B 77 -7.87 -49.16 8.01
N GLN B 78 -8.13 -47.86 8.02
CA GLN B 78 -9.40 -47.30 7.56
C GLN B 78 -9.52 -47.50 6.06
N TYR B 79 -8.44 -47.21 5.35
CA TYR B 79 -8.40 -47.36 3.91
C TYR B 79 -8.68 -48.81 3.53
N TYR B 80 -7.77 -49.70 3.93
CA TYR B 80 -7.89 -51.12 3.65
C TYR B 80 -9.17 -51.71 4.20
N GLY B 81 -9.77 -51.03 5.15
CA GLY B 81 -10.99 -51.55 5.74
C GLY B 81 -12.23 -51.21 4.91
N SER B 82 -12.11 -50.22 4.04
CA SER B 82 -13.24 -49.77 3.23
C SER B 82 -13.73 -50.70 2.13
N PHE B 83 -12.83 -51.21 1.31
CA PHE B 83 -13.28 -52.07 0.23
C PHE B 83 -13.60 -53.50 0.60
N LYS B 84 -14.65 -54.03 -0.02
CA LYS B 84 -15.08 -55.41 0.23
C LYS B 84 -13.96 -56.34 -0.23
N GLU B 85 -13.98 -57.56 0.28
CA GLU B 85 -12.95 -58.53 -0.06
C GLU B 85 -11.60 -57.89 0.21
N ALA B 86 -11.30 -57.76 1.50
CA ALA B 86 -10.05 -57.16 1.93
C ALA B 86 -8.85 -57.81 1.28
N LYS B 87 -7.74 -57.09 1.27
CA LYS B 87 -6.48 -57.55 0.73
C LYS B 87 -5.56 -57.50 1.93
N ILE B 88 -5.82 -58.41 2.86
CA ILE B 88 -5.08 -58.53 4.11
C ILE B 88 -3.58 -58.49 3.93
N GLU B 89 -3.08 -59.28 2.99
CA GLU B 89 -1.64 -59.32 2.73
C GLU B 89 -1.13 -57.91 2.39
N GLU B 90 -1.92 -57.19 1.59
CA GLU B 90 -1.55 -55.82 1.20
C GLU B 90 -1.72 -54.87 2.37
N HIS B 91 -2.74 -55.14 3.16
CA HIS B 91 -3.03 -54.33 4.34
C HIS B 91 -1.78 -54.40 5.23
N LEU B 92 -1.39 -55.62 5.59
CA LEU B 92 -0.22 -55.83 6.43
C LEU B 92 1.06 -55.29 5.79
N ALA B 93 1.24 -55.60 4.51
CA ALA B 93 2.42 -55.14 3.81
C ALA B 93 2.51 -53.62 3.89
N ARG B 94 1.40 -52.95 3.58
CA ARG B 94 1.35 -51.49 3.61
C ARG B 94 1.55 -51.00 5.05
N LEU B 95 0.90 -51.68 6.00
CA LEU B 95 1.02 -51.32 7.41
C LEU B 95 2.48 -51.29 7.83
N GLU B 96 3.19 -52.37 7.53
CA GLU B 96 4.61 -52.45 7.86
C GLU B 96 5.42 -51.45 7.03
N ALA B 97 5.12 -51.38 5.73
CA ALA B 97 5.82 -50.48 4.84
C ALA B 97 5.75 -49.01 5.28
N VAL B 98 4.53 -48.52 5.49
CA VAL B 98 4.36 -47.13 5.92
C VAL B 98 5.11 -46.90 7.24
N THR B 99 4.91 -47.82 8.18
CA THR B 99 5.57 -47.74 9.47
C THR B 99 7.06 -47.48 9.31
N LYS B 100 7.73 -48.34 8.55
CA LYS B 100 9.16 -48.22 8.33
C LYS B 100 9.53 -46.91 7.63
N GLU B 101 8.74 -46.54 6.63
CA GLU B 101 9.02 -45.31 5.90
C GLU B 101 9.01 -44.13 6.88
N ILE B 102 8.05 -44.17 7.81
CA ILE B 102 7.91 -43.14 8.82
C ILE B 102 9.08 -43.14 9.79
N GLU B 103 9.35 -44.30 10.38
CA GLU B 103 10.44 -44.41 11.34
C GLU B 103 11.81 -44.03 10.77
N THR B 104 12.01 -44.28 9.48
CA THR B 104 13.29 -43.98 8.84
C THR B 104 13.41 -42.57 8.24
N THR B 105 12.34 -42.07 7.63
CA THR B 105 12.38 -40.75 7.01
C THR B 105 11.63 -39.70 7.79
N GLY B 106 10.78 -40.16 8.71
CA GLY B 106 9.98 -39.24 9.48
C GLY B 106 8.57 -39.26 8.94
N THR B 107 8.36 -38.59 7.81
CA THR B 107 7.05 -38.54 7.18
C THR B 107 6.86 -39.73 6.25
N TYR B 108 5.82 -39.66 5.42
CA TYR B 108 5.56 -40.70 4.46
C TYR B 108 4.67 -40.20 3.33
N GLN B 109 4.60 -40.98 2.26
CA GLN B 109 3.83 -40.63 1.09
C GLN B 109 2.62 -41.52 0.92
N LEU B 110 1.52 -40.91 0.51
CA LEU B 110 0.27 -41.62 0.25
C LEU B 110 0.28 -42.08 -1.20
N THR B 111 -0.43 -43.16 -1.48
CA THR B 111 -0.51 -43.64 -2.85
C THR B 111 -1.72 -42.92 -3.44
N LEU B 112 -1.74 -42.75 -4.76
CA LEU B 112 -2.84 -42.10 -5.43
C LEU B 112 -4.21 -42.55 -4.91
N ASP B 113 -4.47 -43.85 -4.88
CA ASP B 113 -5.76 -44.34 -4.39
C ASP B 113 -6.07 -43.92 -2.96
N GLU B 114 -5.07 -43.98 -2.10
CA GLU B 114 -5.27 -43.59 -0.71
C GLU B 114 -5.74 -42.12 -0.71
N LEU B 115 -4.97 -41.27 -1.38
CA LEU B 115 -5.29 -39.84 -1.47
C LEU B 115 -6.73 -39.61 -1.95
N ILE B 116 -7.11 -40.32 -3.01
CA ILE B 116 -8.46 -40.20 -3.54
C ILE B 116 -9.44 -40.54 -2.43
N PHE B 117 -9.27 -41.72 -1.86
CA PHE B 117 -10.12 -42.19 -0.79
C PHE B 117 -10.16 -41.17 0.34
N ALA B 118 -9.03 -40.53 0.59
CA ALA B 118 -8.92 -39.55 1.67
C ALA B 118 -9.76 -38.29 1.39
N THR B 119 -9.61 -37.73 0.18
CA THR B 119 -10.32 -36.53 -0.23
C THR B 119 -11.83 -36.70 -0.12
N LYS B 120 -12.31 -37.88 -0.51
CA LYS B 120 -13.74 -38.16 -0.44
C LYS B 120 -14.18 -38.37 0.99
N MET B 121 -13.37 -39.08 1.77
CA MET B 121 -13.69 -39.32 3.16
C MET B 121 -13.78 -37.97 3.87
N ALA B 122 -12.79 -37.13 3.65
CA ALA B 122 -12.77 -35.80 4.25
C ALA B 122 -14.07 -35.06 3.92
N TRP B 123 -14.48 -35.13 2.66
CA TRP B 123 -15.71 -34.49 2.24
C TRP B 123 -16.85 -35.18 3.01
N ARG B 124 -16.83 -36.50 3.02
CA ARG B 124 -17.86 -37.26 3.72
C ARG B 124 -17.98 -36.83 5.20
N ASN B 125 -16.85 -36.45 5.79
CA ASN B 125 -16.81 -36.03 7.19
C ASN B 125 -16.95 -34.52 7.42
N ALA B 126 -17.18 -33.72 6.37
CA ALA B 126 -17.33 -32.27 6.58
C ALA B 126 -18.73 -32.03 7.14
N PRO B 127 -18.83 -31.70 8.43
CA PRO B 127 -20.16 -31.47 9.00
C PRO B 127 -20.97 -30.27 8.52
N ARG B 128 -20.35 -29.36 7.77
CA ARG B 128 -21.09 -28.19 7.34
C ARG B 128 -21.56 -28.19 5.87
N CYS B 129 -21.52 -29.35 5.21
CA CYS B 129 -21.92 -29.47 3.79
C CYS B 129 -23.23 -30.25 3.59
N ILE B 130 -24.31 -29.60 3.13
CA ILE B 130 -25.58 -30.33 2.92
C ILE B 130 -25.51 -31.13 1.64
N GLY B 131 -24.42 -31.00 0.89
CA GLY B 131 -24.31 -31.73 -0.35
C GLY B 131 -23.54 -33.04 -0.31
N ARG B 132 -23.29 -33.56 0.89
CA ARG B 132 -22.49 -34.79 1.03
C ARG B 132 -23.04 -36.07 0.38
N ILE B 133 -24.26 -36.05 -0.14
CA ILE B 133 -24.78 -37.25 -0.78
C ILE B 133 -23.91 -37.58 -2.01
N GLN B 134 -23.20 -36.57 -2.51
CA GLN B 134 -22.34 -36.70 -3.69
C GLN B 134 -20.89 -37.07 -3.35
N TRP B 135 -20.57 -37.14 -2.05
CA TRP B 135 -19.22 -37.43 -1.60
C TRP B 135 -18.37 -38.41 -2.41
N SER B 136 -18.98 -39.44 -2.99
CA SER B 136 -18.20 -40.42 -3.76
C SER B 136 -17.95 -40.02 -5.21
N ASN B 137 -18.46 -38.85 -5.60
CA ASN B 137 -18.32 -38.35 -6.96
C ASN B 137 -17.40 -37.15 -6.95
N LEU B 138 -16.10 -37.42 -7.08
CA LEU B 138 -15.13 -36.33 -7.04
C LEU B 138 -13.88 -36.53 -7.89
N GLN B 139 -13.63 -35.58 -8.78
CA GLN B 139 -12.46 -35.65 -9.63
C GLN B 139 -11.32 -35.18 -8.74
N VAL B 140 -10.21 -35.89 -8.80
CA VAL B 140 -9.05 -35.56 -7.99
C VAL B 140 -7.85 -35.24 -8.88
N PHE B 141 -7.30 -34.05 -8.73
CA PHE B 141 -6.14 -33.65 -9.52
C PHE B 141 -4.91 -33.69 -8.62
N ASP B 142 -4.02 -34.63 -8.89
CA ASP B 142 -2.79 -34.79 -8.13
C ASP B 142 -1.71 -33.82 -8.59
N ALA B 143 -1.44 -32.79 -7.80
CA ALA B 143 -0.42 -31.82 -8.15
C ALA B 143 0.68 -31.85 -7.09
N ARG B 144 0.81 -33.00 -6.41
CA ARG B 144 1.81 -33.15 -5.37
C ARG B 144 3.25 -32.91 -5.85
N ASN B 145 3.50 -33.13 -7.14
CA ASN B 145 4.85 -32.91 -7.70
C ASN B 145 5.05 -31.47 -8.12
N CYS B 146 4.04 -30.63 -7.89
CA CYS B 146 4.12 -29.21 -8.23
C CYS B 146 5.23 -28.59 -7.42
N SER B 147 5.84 -27.52 -7.93
CA SER B 147 6.91 -26.88 -7.19
C SER B 147 6.99 -25.37 -7.34
N THR B 148 6.30 -24.81 -8.32
CA THR B 148 6.36 -23.36 -8.50
C THR B 148 4.99 -22.70 -8.54
N ALA B 149 4.96 -21.40 -8.25
CA ALA B 149 3.74 -20.62 -8.24
C ALA B 149 3.08 -20.66 -9.63
N GLN B 150 3.88 -20.47 -10.67
CA GLN B 150 3.39 -20.49 -12.04
C GLN B 150 2.77 -21.87 -12.32
N GLU B 151 3.28 -22.89 -11.65
CA GLU B 151 2.76 -24.24 -11.82
C GLU B 151 1.43 -24.41 -11.08
N MET B 152 1.32 -23.79 -9.91
CA MET B 152 0.09 -23.85 -9.12
C MET B 152 -1.00 -23.20 -9.96
N PHE B 153 -0.67 -22.00 -10.42
CA PHE B 153 -1.58 -21.23 -11.25
C PHE B 153 -2.10 -22.07 -12.40
N GLN B 154 -1.21 -22.87 -13.00
CA GLN B 154 -1.63 -23.71 -14.12
C GLN B 154 -2.58 -24.81 -13.65
N HIS B 155 -2.27 -25.46 -12.53
CA HIS B 155 -3.14 -26.51 -12.03
C HIS B 155 -4.50 -25.95 -11.68
N ILE B 156 -4.51 -24.79 -11.03
CA ILE B 156 -5.75 -24.13 -10.66
C ILE B 156 -6.59 -23.88 -11.92
N CYS B 157 -5.96 -23.33 -12.96
CA CYS B 157 -6.69 -23.06 -14.20
C CYS B 157 -7.35 -24.31 -14.74
N ARG B 158 -6.63 -25.41 -14.78
CA ARG B 158 -7.18 -26.69 -15.26
C ARG B 158 -8.41 -27.06 -14.43
N HIS B 159 -8.31 -26.86 -13.12
CA HIS B 159 -9.40 -27.17 -12.21
C HIS B 159 -10.63 -26.37 -12.58
N ILE B 160 -10.49 -25.05 -12.53
CA ILE B 160 -11.57 -24.13 -12.85
C ILE B 160 -12.24 -24.54 -14.16
N LEU B 161 -11.42 -24.80 -15.17
CA LEU B 161 -11.89 -25.19 -16.49
C LEU B 161 -12.63 -26.53 -16.44
N TYR B 162 -12.04 -27.52 -15.77
CA TYR B 162 -12.66 -28.82 -15.66
C TYR B 162 -13.99 -28.78 -14.88
N ALA B 163 -13.96 -28.08 -13.75
CA ALA B 163 -15.12 -27.98 -12.88
C ALA B 163 -16.28 -27.20 -13.48
N THR B 164 -15.97 -26.13 -14.20
CA THR B 164 -17.00 -25.30 -14.81
C THR B 164 -17.73 -26.06 -15.90
N ASN B 165 -16.95 -26.77 -16.71
CA ASN B 165 -17.46 -27.61 -17.78
C ASN B 165 -18.62 -26.96 -18.55
N ASN B 166 -18.47 -25.68 -18.85
CA ASN B 166 -19.48 -24.95 -19.62
C ASN B 166 -20.85 -24.86 -18.93
N GLY B 167 -20.88 -24.84 -17.61
CA GLY B 167 -22.16 -24.76 -16.92
C GLY B 167 -22.65 -26.05 -16.28
N ASN B 168 -22.22 -27.19 -16.79
CA ASN B 168 -22.61 -28.48 -16.22
C ASN B 168 -21.50 -28.74 -15.19
N ILE B 169 -21.63 -28.09 -14.04
CA ILE B 169 -20.63 -28.15 -12.98
C ILE B 169 -20.24 -29.54 -12.49
N ARG B 170 -18.94 -29.72 -12.26
CA ARG B 170 -18.40 -30.98 -11.79
C ARG B 170 -17.54 -30.76 -10.55
N SER B 171 -17.67 -31.67 -9.59
CA SER B 171 -16.91 -31.58 -8.34
C SER B 171 -15.51 -32.10 -8.53
N ALA B 172 -14.54 -31.33 -8.06
CA ALA B 172 -13.15 -31.72 -8.17
C ALA B 172 -12.31 -31.10 -7.06
N ILE B 173 -11.12 -31.64 -6.87
CA ILE B 173 -10.21 -31.13 -5.86
C ILE B 173 -8.80 -31.26 -6.36
N THR B 174 -7.99 -30.24 -6.10
CA THR B 174 -6.59 -30.26 -6.51
C THR B 174 -5.68 -30.30 -5.28
N VAL B 175 -4.93 -31.40 -5.16
CA VAL B 175 -4.03 -31.62 -4.04
C VAL B 175 -2.59 -31.20 -4.33
N PHE B 176 -2.12 -30.16 -3.66
CA PHE B 176 -0.74 -29.72 -3.86
C PHE B 176 0.14 -30.44 -2.84
N PRO B 177 1.46 -30.20 -2.86
CA PRO B 177 2.35 -30.90 -1.91
C PRO B 177 2.01 -30.81 -0.42
N GLN B 178 2.01 -31.98 0.23
CA GLN B 178 1.72 -32.07 1.66
C GLN B 178 2.76 -31.28 2.45
N ARG B 179 2.40 -30.92 3.67
CA ARG B 179 3.29 -30.15 4.53
C ARG B 179 4.47 -31.00 5.00
N SER B 180 5.66 -30.41 4.96
CA SER B 180 6.86 -31.10 5.39
C SER B 180 7.37 -30.60 6.74
N ASP B 181 8.21 -29.57 6.72
CA ASP B 181 8.78 -29.02 7.94
C ASP B 181 7.88 -27.93 8.52
N GLY B 182 7.15 -27.24 7.64
CA GLY B 182 6.28 -26.19 8.10
C GLY B 182 6.70 -24.84 7.55
N LYS B 183 7.95 -24.75 7.10
CA LYS B 183 8.46 -23.52 6.54
C LYS B 183 8.39 -23.59 5.02
N HIS B 184 7.85 -24.69 4.52
CA HIS B 184 7.71 -24.90 3.09
C HIS B 184 6.28 -25.25 2.67
N ASP B 185 5.31 -24.47 3.16
CA ASP B 185 3.90 -24.66 2.86
C ASP B 185 3.42 -24.09 1.52
N PHE B 186 2.60 -24.86 0.81
CA PHE B 186 2.01 -24.36 -0.42
C PHE B 186 0.69 -23.80 0.09
N ARG B 187 0.34 -22.59 -0.34
CA ARG B 187 -0.89 -21.97 0.13
C ARG B 187 -1.54 -21.10 -0.93
N LEU B 188 -2.86 -21.02 -0.86
CA LEU B 188 -3.61 -20.15 -1.77
C LEU B 188 -4.12 -19.08 -0.83
N TRP B 189 -3.79 -17.84 -1.10
CA TRP B 189 -4.22 -16.78 -0.22
C TRP B 189 -5.68 -16.38 -0.36
N ASN B 190 -6.34 -16.80 -1.44
CA ASN B 190 -7.76 -16.45 -1.62
C ASN B 190 -8.67 -17.30 -0.73
N SER B 191 -9.89 -16.81 -0.48
CA SER B 191 -10.85 -17.55 0.32
C SER B 191 -11.36 -18.66 -0.59
N GLN B 192 -11.77 -18.25 -1.79
CA GLN B 192 -12.27 -19.18 -2.80
C GLN B 192 -11.68 -18.83 -4.15
N LEU B 193 -11.69 -19.79 -5.07
CA LEU B 193 -11.13 -19.58 -6.38
C LEU B 193 -11.63 -18.32 -7.05
N ILE B 194 -12.94 -18.19 -7.23
CA ILE B 194 -13.47 -16.99 -7.84
C ILE B 194 -14.17 -16.16 -6.78
N ARG B 195 -13.95 -14.85 -6.84
CA ARG B 195 -14.51 -13.96 -5.86
C ARG B 195 -14.41 -12.51 -6.37
N TYR B 196 -15.37 -11.67 -6.02
CA TYR B 196 -15.36 -10.29 -6.46
C TYR B 196 -14.66 -9.34 -5.50
N ALA B 197 -14.02 -8.32 -6.06
CA ALA B 197 -13.29 -7.35 -5.26
C ALA B 197 -14.18 -6.29 -4.64
N GLY B 198 -13.67 -5.66 -3.59
CA GLY B 198 -14.40 -4.61 -2.93
C GLY B 198 -13.45 -3.43 -2.73
N TYR B 199 -13.87 -2.23 -3.10
CA TYR B 199 -13.02 -1.06 -2.93
C TYR B 199 -13.75 -0.01 -2.14
N GLN B 200 -13.02 0.70 -1.28
CA GLN B 200 -13.61 1.78 -0.50
C GLN B 200 -13.38 3.07 -1.26
N MET B 201 -14.21 3.30 -2.27
CA MET B 201 -14.13 4.47 -3.12
C MET B 201 -13.76 5.76 -2.39
N PRO B 202 -13.27 6.76 -3.14
CA PRO B 202 -12.88 8.04 -2.57
C PRO B 202 -14.01 8.69 -1.77
N ASP B 203 -15.19 8.76 -2.37
CA ASP B 203 -16.36 9.35 -1.71
C ASP B 203 -16.88 8.57 -0.50
N GLY B 204 -16.08 7.63 0.00
CA GLY B 204 -16.47 6.85 1.16
C GLY B 204 -17.37 5.65 0.89
N THR B 205 -18.10 5.67 -0.20
CA THR B 205 -18.98 4.57 -0.54
C THR B 205 -18.16 3.36 -0.94
N ILE B 206 -18.64 2.18 -0.55
CA ILE B 206 -17.95 0.95 -0.90
C ILE B 206 -18.54 0.38 -2.17
N ARG B 207 -17.70 -0.20 -3.00
CA ARG B 207 -18.15 -0.78 -4.26
C ARG B 207 -17.72 -2.23 -4.37
N GLY B 208 -18.58 -3.03 -4.98
CA GLY B 208 -18.30 -4.44 -5.13
C GLY B 208 -18.69 -5.22 -3.88
N ASP B 209 -17.92 -6.26 -3.58
CA ASP B 209 -18.18 -7.10 -2.43
C ASP B 209 -17.43 -6.58 -1.20
N ALA B 210 -18.16 -5.90 -0.32
CA ALA B 210 -17.56 -5.34 0.88
C ALA B 210 -16.85 -6.36 1.75
N ALA B 211 -17.19 -7.65 1.59
CA ALA B 211 -16.55 -8.66 2.42
C ALA B 211 -15.09 -8.90 2.03
N THR B 212 -14.70 -8.45 0.84
CA THR B 212 -13.34 -8.67 0.35
C THR B 212 -12.47 -7.42 0.30
N LEU B 213 -12.80 -6.40 1.10
CA LEU B 213 -12.04 -5.16 1.10
C LEU B 213 -10.55 -5.36 1.43
N GLU B 214 -10.27 -5.97 2.57
CA GLU B 214 -8.89 -6.19 2.96
C GLU B 214 -8.13 -6.95 1.90
N PHE B 215 -8.61 -8.15 1.58
CA PHE B 215 -7.94 -8.97 0.58
C PHE B 215 -7.75 -8.21 -0.72
N THR B 216 -8.72 -7.38 -1.09
CA THR B 216 -8.60 -6.62 -2.32
C THR B 216 -7.41 -5.69 -2.16
N GLN B 217 -7.28 -5.12 -0.96
CA GLN B 217 -6.19 -4.22 -0.67
C GLN B 217 -4.87 -4.97 -0.78
N LEU B 218 -4.79 -6.12 -0.12
CA LEU B 218 -3.59 -6.94 -0.14
C LEU B 218 -3.15 -7.20 -1.58
N CYS B 219 -4.12 -7.27 -2.50
CA CYS B 219 -3.82 -7.51 -3.91
C CYS B 219 -3.21 -6.28 -4.55
N ILE B 220 -3.80 -5.13 -4.26
CA ILE B 220 -3.31 -3.87 -4.78
C ILE B 220 -1.87 -3.74 -4.34
N ASP B 221 -1.63 -4.04 -3.07
CA ASP B 221 -0.30 -3.95 -2.49
C ASP B 221 0.69 -4.83 -3.23
N LEU B 222 0.25 -6.02 -3.63
CA LEU B 222 1.12 -6.95 -4.33
C LEU B 222 1.23 -6.60 -5.81
N GLY B 223 0.73 -5.43 -6.19
CA GLY B 223 0.82 -4.99 -7.57
C GLY B 223 -0.32 -5.31 -8.50
N TRP B 224 -1.52 -5.51 -7.95
CA TRP B 224 -2.67 -5.83 -8.78
C TRP B 224 -3.38 -4.55 -9.20
N LYS B 225 -3.67 -4.42 -10.49
CA LYS B 225 -4.36 -3.23 -10.99
C LYS B 225 -5.86 -3.31 -10.75
N PRO B 226 -6.39 -2.47 -9.84
CA PRO B 226 -7.83 -2.44 -9.52
C PRO B 226 -8.66 -1.85 -10.66
N ARG B 227 -9.72 -2.53 -11.07
CA ARG B 227 -10.56 -1.99 -12.14
C ARG B 227 -11.74 -1.21 -11.58
N TYR B 228 -11.79 -1.08 -10.26
CA TYR B 228 -12.84 -0.34 -9.60
C TYR B 228 -14.23 -0.58 -10.20
N GLY B 229 -14.71 -1.82 -10.09
CA GLY B 229 -16.02 -2.17 -10.61
C GLY B 229 -16.82 -2.89 -9.54
N ARG B 230 -18.06 -3.26 -9.86
CA ARG B 230 -18.91 -3.97 -8.90
C ARG B 230 -18.59 -5.46 -8.91
N PHE B 231 -18.18 -5.98 -10.06
CA PHE B 231 -17.89 -7.39 -10.19
C PHE B 231 -16.55 -7.68 -10.84
N ASP B 232 -15.47 -7.23 -10.20
CA ASP B 232 -14.14 -7.48 -10.73
C ASP B 232 -13.57 -8.70 -10.05
N VAL B 233 -13.29 -9.73 -10.84
CA VAL B 233 -12.73 -10.96 -10.31
C VAL B 233 -11.36 -10.71 -9.73
N LEU B 234 -11.17 -11.10 -8.47
CA LEU B 234 -9.90 -10.94 -7.80
C LEU B 234 -8.85 -11.86 -8.39
N PRO B 235 -7.58 -11.45 -8.33
CA PRO B 235 -6.49 -12.25 -8.88
C PRO B 235 -6.16 -13.41 -7.95
N LEU B 236 -5.50 -14.42 -8.49
CA LEU B 236 -5.08 -15.55 -7.67
C LEU B 236 -3.78 -15.11 -6.99
N VAL B 237 -3.66 -15.39 -5.69
CA VAL B 237 -2.47 -15.06 -4.92
C VAL B 237 -1.93 -16.39 -4.42
N LEU B 238 -0.88 -16.89 -5.07
CA LEU B 238 -0.31 -18.19 -4.69
C LEU B 238 1.04 -18.18 -4.00
N GLN B 239 1.21 -19.13 -3.10
CA GLN B 239 2.43 -19.31 -2.32
C GLN B 239 2.93 -20.73 -2.57
N ALA B 240 4.08 -20.85 -3.22
CA ALA B 240 4.66 -22.16 -3.50
C ALA B 240 5.82 -22.46 -2.58
N ASP B 241 5.92 -23.72 -2.16
CA ASP B 241 6.97 -24.16 -1.25
C ASP B 241 6.98 -23.27 -0.02
N GLY B 242 7.65 -22.12 -0.07
CA GLY B 242 7.63 -21.25 1.09
C GLY B 242 7.77 -19.79 0.73
N GLN B 243 8.02 -19.54 -0.55
CA GLN B 243 8.22 -18.18 -1.05
C GLN B 243 7.05 -17.23 -0.90
N ASP B 244 7.33 -15.94 -1.13
CA ASP B 244 6.34 -14.89 -1.04
C ASP B 244 5.34 -15.06 -2.17
N PRO B 245 4.05 -14.93 -1.88
CA PRO B 245 2.95 -15.07 -2.85
C PRO B 245 3.07 -14.27 -4.14
N GLU B 246 2.72 -14.92 -5.25
CA GLU B 246 2.75 -14.28 -6.55
C GLU B 246 1.33 -14.10 -7.06
N VAL B 247 1.04 -12.90 -7.55
CA VAL B 247 -0.27 -12.55 -8.07
C VAL B 247 -0.46 -13.05 -9.50
N PHE B 248 -1.65 -13.59 -9.78
CA PHE B 248 -1.99 -14.10 -11.12
C PHE B 248 -3.45 -13.78 -11.47
N GLU B 249 -3.66 -13.09 -12.61
CA GLU B 249 -5.01 -12.77 -13.05
C GLU B 249 -5.62 -14.04 -13.62
N ILE B 250 -6.87 -14.30 -13.27
CA ILE B 250 -7.52 -15.49 -13.78
C ILE B 250 -8.07 -15.21 -15.18
N PRO B 251 -7.62 -15.99 -16.17
CA PRO B 251 -8.09 -15.80 -17.55
C PRO B 251 -9.60 -15.68 -17.58
N PRO B 252 -10.12 -14.51 -18.01
CA PRO B 252 -11.56 -14.24 -18.09
C PRO B 252 -12.35 -15.32 -18.79
N ASP B 253 -11.78 -15.89 -19.84
CA ASP B 253 -12.46 -16.95 -20.57
C ASP B 253 -12.74 -18.16 -19.68
N LEU B 254 -12.15 -18.18 -18.48
CA LEU B 254 -12.35 -19.29 -17.56
C LEU B 254 -13.31 -18.96 -16.43
N VAL B 255 -13.81 -17.74 -16.40
CA VAL B 255 -14.74 -17.37 -15.35
C VAL B 255 -16.16 -17.22 -15.91
N LEU B 256 -16.94 -18.28 -15.78
CA LEU B 256 -18.33 -18.29 -16.24
C LEU B 256 -19.19 -17.54 -15.25
N GLU B 257 -20.04 -16.66 -15.76
CA GLU B 257 -20.92 -15.90 -14.88
C GLU B 257 -22.35 -16.03 -15.35
N VAL B 258 -23.29 -15.73 -14.45
CA VAL B 258 -24.71 -15.77 -14.75
C VAL B 258 -25.30 -14.39 -14.51
N THR B 259 -25.99 -13.86 -15.51
CA THR B 259 -26.59 -12.54 -15.37
C THR B 259 -27.98 -12.70 -14.76
N MET B 260 -28.27 -11.89 -13.75
CA MET B 260 -29.56 -11.98 -13.05
C MET B 260 -30.76 -11.31 -13.69
N GLU B 261 -31.85 -12.04 -13.77
CA GLU B 261 -33.09 -11.51 -14.30
C GLU B 261 -34.24 -12.31 -13.70
N HIS B 262 -35.36 -11.63 -13.47
CA HIS B 262 -36.54 -12.23 -12.89
C HIS B 262 -37.49 -12.65 -13.99
N PRO B 263 -38.23 -13.76 -13.78
CA PRO B 263 -39.17 -14.24 -14.79
C PRO B 263 -40.44 -13.41 -14.93
N LYS B 264 -40.66 -12.47 -14.02
CA LYS B 264 -41.85 -11.62 -14.09
C LYS B 264 -41.48 -10.15 -14.09
N TYR B 265 -40.57 -9.75 -13.21
CA TYR B 265 -40.14 -8.36 -13.12
C TYR B 265 -39.04 -8.08 -14.11
N GLU B 266 -39.34 -7.28 -15.13
CA GLU B 266 -38.35 -6.96 -16.15
C GLU B 266 -37.32 -5.99 -15.63
N TRP B 267 -37.67 -5.29 -14.56
CA TRP B 267 -36.78 -4.33 -13.97
C TRP B 267 -35.69 -5.00 -13.16
N PHE B 268 -35.84 -6.28 -12.85
CA PHE B 268 -34.82 -6.93 -12.05
C PHE B 268 -33.49 -6.85 -12.76
N GLN B 269 -33.52 -7.05 -14.08
CA GLN B 269 -32.33 -6.99 -14.91
C GLN B 269 -31.69 -5.60 -14.76
N GLU B 270 -32.53 -4.59 -14.60
CA GLU B 270 -32.06 -3.22 -14.44
C GLU B 270 -31.16 -3.04 -13.23
N LEU B 271 -31.14 -4.03 -12.35
CA LEU B 271 -30.30 -3.95 -11.15
C LEU B 271 -28.83 -4.21 -11.49
N GLY B 272 -28.60 -4.76 -12.69
CA GLY B 272 -27.26 -5.05 -13.14
C GLY B 272 -26.49 -6.04 -12.28
N LEU B 273 -27.19 -7.04 -11.76
CA LEU B 273 -26.59 -8.05 -10.90
C LEU B 273 -26.14 -9.31 -11.64
N LYS B 274 -25.11 -9.96 -11.11
CA LYS B 274 -24.63 -11.20 -11.70
C LYS B 274 -23.75 -11.91 -10.68
N TRP B 275 -23.43 -13.17 -10.94
CA TRP B 275 -22.57 -13.91 -10.03
C TRP B 275 -21.83 -15.02 -10.79
N TYR B 276 -20.71 -15.47 -10.24
CA TYR B 276 -19.95 -16.53 -10.88
C TYR B 276 -20.60 -17.89 -10.60
N ALA B 277 -20.49 -18.80 -11.56
CA ALA B 277 -21.08 -20.11 -11.46
C ALA B 277 -20.27 -21.12 -10.67
N LEU B 278 -19.00 -20.84 -10.41
CA LEU B 278 -18.18 -21.81 -9.72
C LEU B 278 -17.90 -21.44 -8.27
N PRO B 279 -18.36 -22.29 -7.32
CA PRO B 279 -18.15 -22.09 -5.87
C PRO B 279 -17.01 -23.04 -5.50
N ALA B 280 -15.85 -22.48 -5.17
CA ALA B 280 -14.69 -23.32 -4.87
C ALA B 280 -13.85 -22.82 -3.71
N VAL B 281 -13.68 -23.68 -2.70
CA VAL B 281 -12.87 -23.33 -1.54
C VAL B 281 -11.40 -23.35 -1.89
N ALA B 282 -10.67 -22.34 -1.44
CA ALA B 282 -9.27 -22.23 -1.77
C ALA B 282 -8.30 -22.25 -0.59
N ASN B 283 -8.82 -22.03 0.61
CA ASN B 283 -7.97 -21.94 1.79
C ASN B 283 -8.06 -22.98 2.90
N MET B 284 -8.71 -24.10 2.70
CA MET B 284 -8.76 -25.05 3.78
C MET B 284 -7.60 -26.04 3.73
N LEU B 285 -7.50 -26.88 4.76
CA LEU B 285 -6.42 -27.84 4.84
C LEU B 285 -6.91 -29.26 4.95
N LEU B 286 -6.33 -30.15 4.15
CA LEU B 286 -6.71 -31.55 4.18
C LEU B 286 -5.79 -32.33 5.12
N GLU B 287 -6.37 -32.91 6.16
CA GLU B 287 -5.65 -33.71 7.14
C GLU B 287 -6.03 -35.15 6.93
N VAL B 288 -5.02 -36.01 6.85
CA VAL B 288 -5.27 -37.44 6.68
C VAL B 288 -4.06 -38.25 7.17
N GLY B 289 -4.35 -39.26 7.98
CA GLY B 289 -3.29 -40.11 8.51
C GLY B 289 -2.07 -39.38 9.00
N GLY B 290 -2.27 -38.27 9.71
CA GLY B 290 -1.14 -37.54 10.23
C GLY B 290 -0.55 -36.54 9.26
N LEU B 291 -0.96 -36.64 8.00
CA LEU B 291 -0.47 -35.73 6.98
C LEU B 291 -1.32 -34.46 6.91
N GLU B 292 -0.73 -33.40 6.38
CA GLU B 292 -1.43 -32.13 6.25
C GLU B 292 -1.21 -31.49 4.88
N PHE B 293 -2.29 -31.13 4.22
CA PHE B 293 -2.21 -30.49 2.91
C PHE B 293 -2.77 -29.07 3.03
N PRO B 294 -1.90 -28.10 3.32
CA PRO B 294 -2.32 -26.70 3.47
C PRO B 294 -2.86 -26.05 2.19
N ALA B 295 -2.81 -26.79 1.09
CA ALA B 295 -3.31 -26.27 -0.18
C ALA B 295 -4.01 -27.38 -0.97
N CYS B 296 -5.32 -27.24 -1.14
CA CYS B 296 -6.10 -28.24 -1.84
C CYS B 296 -7.47 -27.69 -2.17
N PRO B 297 -7.52 -26.75 -3.13
CA PRO B 297 -8.83 -26.19 -3.48
C PRO B 297 -9.79 -27.25 -3.99
N PHE B 298 -11.08 -27.08 -3.65
CA PHE B 298 -12.10 -28.00 -4.09
C PHE B 298 -13.41 -27.26 -4.34
N ASN B 299 -14.30 -27.86 -5.13
CA ASN B 299 -15.57 -27.21 -5.44
C ASN B 299 -16.72 -28.19 -5.64
N GLY B 300 -17.93 -27.64 -5.49
CA GLY B 300 -19.14 -28.40 -5.72
C GLY B 300 -19.92 -27.46 -6.60
N TRP B 301 -21.20 -27.28 -6.33
CA TRP B 301 -22.01 -26.33 -7.08
C TRP B 301 -22.84 -25.53 -6.10
N TYR B 302 -23.50 -24.50 -6.61
CA TYR B 302 -24.31 -23.60 -5.78
C TYR B 302 -25.70 -24.03 -5.33
N MET B 303 -26.09 -23.49 -4.18
CA MET B 303 -27.41 -23.68 -3.63
C MET B 303 -27.90 -22.23 -3.73
N GLY B 304 -28.96 -22.02 -4.49
CA GLY B 304 -29.48 -20.69 -4.71
C GLY B 304 -29.47 -19.68 -3.58
N THR B 305 -29.79 -20.14 -2.38
CA THR B 305 -29.85 -19.26 -1.25
C THR B 305 -28.51 -18.61 -0.94
N GLU B 306 -27.42 -19.29 -1.31
CA GLU B 306 -26.07 -18.77 -1.04
C GLU B 306 -25.95 -17.38 -1.68
N ILE B 307 -26.29 -17.30 -2.96
CA ILE B 307 -26.24 -16.07 -3.71
C ILE B 307 -27.43 -15.16 -3.41
N GLY B 308 -28.63 -15.72 -3.51
CA GLY B 308 -29.81 -14.92 -3.28
C GLY B 308 -30.00 -14.29 -1.92
N VAL B 309 -29.73 -15.06 -0.86
CA VAL B 309 -29.93 -14.57 0.50
C VAL B 309 -28.68 -13.94 1.11
N ARG B 310 -27.59 -14.70 1.15
CA ARG B 310 -26.34 -14.23 1.74
C ARG B 310 -25.61 -13.17 0.89
N ASP B 311 -25.10 -13.57 -0.27
CA ASP B 311 -24.37 -12.66 -1.15
C ASP B 311 -25.13 -11.37 -1.48
N PHE B 312 -26.41 -11.49 -1.85
CA PHE B 312 -27.20 -10.32 -2.22
C PHE B 312 -27.93 -9.59 -1.07
N CYS B 313 -28.34 -10.30 -0.03
CA CYS B 313 -29.07 -9.61 1.05
C CYS B 313 -28.35 -9.44 2.39
N ASP B 314 -27.19 -10.03 2.58
CA ASP B 314 -26.47 -9.80 3.83
C ASP B 314 -26.19 -8.30 3.81
N THR B 315 -26.32 -7.63 4.95
CA THR B 315 -26.09 -6.19 4.95
C THR B 315 -24.63 -5.83 4.67
N GLN B 316 -23.71 -6.72 5.05
CA GLN B 316 -22.28 -6.50 4.84
C GLN B 316 -21.83 -6.99 3.45
N ARG B 317 -22.80 -7.33 2.60
CA ARG B 317 -22.51 -7.80 1.25
C ARG B 317 -23.11 -6.84 0.22
N TYR B 318 -23.74 -7.35 -0.83
CA TYR B 318 -24.31 -6.48 -1.84
C TYR B 318 -25.56 -5.73 -1.38
N ASN B 319 -26.09 -6.15 -0.24
CA ASN B 319 -27.24 -5.52 0.41
C ASN B 319 -28.29 -4.87 -0.51
N ILE B 320 -28.91 -5.66 -1.38
CA ILE B 320 -29.92 -5.15 -2.31
C ILE B 320 -31.36 -5.26 -1.83
N LEU B 321 -31.59 -5.71 -0.60
CA LEU B 321 -32.96 -5.88 -0.11
C LEU B 321 -33.90 -4.69 -0.21
N GLU B 322 -33.52 -3.57 0.38
CA GLU B 322 -34.38 -2.39 0.33
C GLU B 322 -34.66 -1.92 -1.09
N GLU B 323 -33.64 -1.97 -1.94
CA GLU B 323 -33.79 -1.55 -3.33
C GLU B 323 -34.84 -2.40 -4.02
N VAL B 324 -34.82 -3.71 -3.76
CA VAL B 324 -35.76 -4.63 -4.37
C VAL B 324 -37.15 -4.44 -3.77
N GLY B 325 -37.19 -4.12 -2.49
CA GLY B 325 -38.47 -3.89 -1.84
C GLY B 325 -39.19 -2.71 -2.45
N ARG B 326 -38.46 -1.62 -2.65
CA ARG B 326 -39.03 -0.40 -3.23
C ARG B 326 -39.54 -0.64 -4.64
N ARG B 327 -38.80 -1.42 -5.43
CA ARG B 327 -39.22 -1.69 -6.79
C ARG B 327 -40.40 -2.62 -6.84
N MET B 328 -40.71 -3.25 -5.72
CA MET B 328 -41.85 -4.16 -5.61
C MET B 328 -43.02 -3.38 -5.04
N GLY B 329 -42.75 -2.13 -4.65
CA GLY B 329 -43.76 -1.25 -4.08
C GLY B 329 -44.29 -1.70 -2.75
N LEU B 330 -43.40 -2.14 -1.86
CA LEU B 330 -43.81 -2.62 -0.55
C LEU B 330 -43.60 -1.57 0.52
N GLU B 331 -44.11 -1.83 1.73
CA GLU B 331 -43.98 -0.87 2.83
C GLU B 331 -42.64 -1.06 3.53
N THR B 332 -41.58 -0.66 2.84
CA THR B 332 -40.22 -0.79 3.33
C THR B 332 -39.96 -0.07 4.66
N HIS B 333 -40.92 0.70 5.12
CA HIS B 333 -40.76 1.42 6.38
C HIS B 333 -41.46 0.75 7.55
N THR B 334 -42.30 -0.23 7.23
CA THR B 334 -43.02 -0.97 8.25
C THR B 334 -42.46 -2.40 8.30
N LEU B 335 -41.60 -2.64 9.26
CA LEU B 335 -40.97 -3.94 9.45
C LEU B 335 -41.99 -5.09 9.58
N ALA B 336 -43.07 -4.83 10.32
CA ALA B 336 -44.08 -5.85 10.54
C ALA B 336 -44.83 -6.32 9.28
N SER B 337 -44.72 -5.57 8.18
CA SER B 337 -45.42 -5.94 6.96
C SER B 337 -44.83 -7.16 6.27
N LEU B 338 -43.66 -7.58 6.73
CA LEU B 338 -42.95 -8.72 6.16
C LEU B 338 -42.50 -8.49 4.71
N TRP B 339 -42.21 -7.23 4.37
CA TRP B 339 -41.75 -6.88 3.03
C TRP B 339 -40.43 -7.56 2.75
N LYS B 340 -39.59 -7.68 3.78
CA LYS B 340 -38.29 -8.33 3.61
C LYS B 340 -38.43 -9.79 3.19
N ASP B 341 -39.38 -10.50 3.80
CA ASP B 341 -39.60 -11.92 3.49
C ASP B 341 -40.06 -12.05 2.06
N ARG B 342 -40.83 -11.05 1.65
CA ARG B 342 -41.41 -10.98 0.33
C ARG B 342 -40.30 -10.78 -0.70
N ALA B 343 -39.48 -9.76 -0.48
CA ALA B 343 -38.38 -9.46 -1.39
C ALA B 343 -37.42 -10.62 -1.58
N VAL B 344 -36.78 -11.03 -0.49
CA VAL B 344 -35.81 -12.11 -0.52
C VAL B 344 -36.30 -13.31 -1.34
N THR B 345 -37.59 -13.58 -1.32
CA THR B 345 -38.09 -14.71 -2.08
C THR B 345 -37.99 -14.46 -3.59
N GLU B 346 -38.38 -13.26 -4.01
CA GLU B 346 -38.31 -12.91 -5.43
C GLU B 346 -36.86 -12.97 -5.91
N ILE B 347 -35.93 -12.52 -5.07
CA ILE B 347 -34.51 -12.55 -5.41
C ILE B 347 -34.07 -14.01 -5.55
N ASN B 348 -34.57 -14.88 -4.69
CA ASN B 348 -34.24 -16.30 -4.77
C ASN B 348 -34.76 -16.91 -6.08
N VAL B 349 -35.97 -16.56 -6.50
CA VAL B 349 -36.43 -17.16 -7.74
C VAL B 349 -35.64 -16.57 -8.91
N ALA B 350 -35.20 -15.31 -8.78
CA ALA B 350 -34.41 -14.67 -9.83
C ALA B 350 -33.13 -15.49 -10.03
N VAL B 351 -32.38 -15.68 -8.94
CA VAL B 351 -31.13 -16.43 -8.97
C VAL B 351 -31.38 -17.79 -9.61
N LEU B 352 -32.33 -18.52 -9.05
CA LEU B 352 -32.69 -19.85 -9.53
C LEU B 352 -33.03 -19.82 -11.02
N HIS B 353 -33.93 -18.90 -11.39
CA HIS B 353 -34.35 -18.75 -12.77
C HIS B 353 -33.20 -18.41 -13.72
N SER B 354 -32.28 -17.55 -13.29
CA SER B 354 -31.17 -17.18 -14.13
C SER B 354 -30.20 -18.34 -14.42
N PHE B 355 -29.85 -19.11 -13.38
CA PHE B 355 -28.92 -20.24 -13.59
C PHE B 355 -29.57 -21.26 -14.52
N GLN B 356 -30.88 -21.49 -14.33
CA GLN B 356 -31.59 -22.44 -15.16
C GLN B 356 -31.65 -22.00 -16.61
N LYS B 357 -32.02 -20.74 -16.82
CA LYS B 357 -32.15 -20.20 -18.16
C LYS B 357 -30.84 -20.22 -18.91
N GLN B 358 -29.74 -20.07 -18.20
CA GLN B 358 -28.42 -20.06 -18.82
C GLN B 358 -27.68 -21.36 -18.68
N ASN B 359 -28.44 -22.42 -18.42
CA ASN B 359 -27.93 -23.79 -18.28
C ASN B 359 -26.74 -24.02 -17.35
N VAL B 360 -26.80 -23.44 -16.16
CA VAL B 360 -25.74 -23.58 -15.18
C VAL B 360 -26.29 -24.29 -13.95
N THR B 361 -25.62 -25.38 -13.57
CA THR B 361 -26.06 -26.17 -12.44
C THR B 361 -26.25 -25.35 -11.19
N ILE B 362 -27.39 -25.59 -10.54
CA ILE B 362 -27.72 -24.93 -9.29
C ILE B 362 -28.80 -25.79 -8.64
N MET B 363 -28.99 -25.59 -7.35
CA MET B 363 -29.96 -26.36 -6.59
C MET B 363 -30.69 -25.47 -5.59
N ASP B 364 -32.01 -25.59 -5.52
CA ASP B 364 -32.77 -24.79 -4.58
C ASP B 364 -32.56 -25.43 -3.20
N HIS B 365 -32.86 -24.67 -2.15
CA HIS B 365 -32.64 -25.15 -0.79
C HIS B 365 -33.53 -26.27 -0.27
N HIS B 366 -34.72 -26.41 -0.86
CA HIS B 366 -35.66 -27.45 -0.46
C HIS B 366 -35.16 -28.78 -0.95
N THR B 367 -34.91 -28.85 -2.26
CA THR B 367 -34.43 -30.08 -2.86
C THR B 367 -33.16 -30.51 -2.13
N ALA B 368 -32.28 -29.56 -1.84
CA ALA B 368 -31.01 -29.87 -1.15
C ALA B 368 -31.24 -30.51 0.20
N SER B 369 -32.14 -29.92 0.99
CA SER B 369 -32.44 -30.48 2.30
C SER B 369 -32.87 -31.93 2.18
N GLU B 370 -33.81 -32.20 1.30
CA GLU B 370 -34.28 -33.57 1.12
C GLU B 370 -33.13 -34.47 0.70
N SER B 371 -32.23 -33.93 -0.10
CA SER B 371 -31.05 -34.68 -0.55
C SER B 371 -30.21 -35.08 0.65
N PHE B 372 -29.95 -34.11 1.52
CA PHE B 372 -29.13 -34.38 2.69
C PHE B 372 -29.76 -35.35 3.67
N MET B 373 -31.08 -35.29 3.80
CA MET B 373 -31.80 -36.17 4.70
C MET B 373 -31.59 -37.60 4.24
N LYS B 374 -31.78 -37.82 2.94
CA LYS B 374 -31.59 -39.12 2.36
C LYS B 374 -30.15 -39.56 2.63
N HIS B 375 -29.22 -38.63 2.49
CA HIS B 375 -27.82 -38.96 2.73
C HIS B 375 -27.54 -39.40 4.15
N MET B 376 -28.06 -38.64 5.10
CA MET B 376 -27.87 -38.93 6.51
C MET B 376 -28.34 -40.36 6.84
N GLN B 377 -29.53 -40.71 6.34
CA GLN B 377 -30.09 -42.03 6.54
C GLN B 377 -29.17 -43.10 5.97
N ASN B 378 -28.78 -42.95 4.70
CA ASN B 378 -27.89 -43.92 4.09
C ASN B 378 -26.67 -44.03 4.99
N GLU B 379 -26.20 -42.88 5.46
CA GLU B 379 -25.02 -42.81 6.30
C GLU B 379 -25.11 -43.52 7.65
N TYR B 380 -26.28 -43.52 8.28
CA TYR B 380 -26.43 -44.19 9.56
C TYR B 380 -26.44 -45.70 9.37
N ARG B 381 -27.09 -46.17 8.31
CA ARG B 381 -27.14 -47.60 8.02
C ARG B 381 -25.74 -48.05 7.60
N ALA B 382 -25.07 -47.20 6.83
CA ALA B 382 -23.73 -47.49 6.33
C ALA B 382 -22.68 -47.59 7.42
N ARG B 383 -22.52 -46.55 8.23
CA ARG B 383 -21.54 -46.60 9.30
C ARG B 383 -22.03 -46.04 10.63
N GLY B 384 -23.33 -46.15 10.84
CA GLY B 384 -23.94 -45.70 12.08
C GLY B 384 -23.61 -44.29 12.55
N GLY B 385 -23.84 -43.30 11.70
CA GLY B 385 -23.54 -41.94 12.09
C GLY B 385 -23.25 -41.04 10.92
N CYS B 386 -23.42 -39.74 11.16
CA CYS B 386 -23.17 -38.73 10.16
C CYS B 386 -22.96 -37.41 10.89
N PRO B 387 -21.71 -36.94 10.96
CA PRO B 387 -21.39 -35.68 11.64
C PRO B 387 -22.05 -34.52 10.91
N ALA B 388 -22.93 -33.82 11.61
CA ALA B 388 -23.65 -32.71 11.00
C ALA B 388 -23.73 -31.48 11.90
N ASP B 389 -23.59 -30.32 11.29
CA ASP B 389 -23.65 -29.05 11.99
C ASP B 389 -24.99 -28.39 11.61
N TRP B 390 -26.00 -28.61 12.44
CA TRP B 390 -27.33 -28.07 12.22
C TRP B 390 -27.31 -26.59 11.81
N ILE B 391 -26.57 -25.79 12.58
CA ILE B 391 -26.47 -24.35 12.32
C ILE B 391 -26.10 -24.00 10.88
N TRP B 392 -25.33 -24.85 10.22
CA TRP B 392 -24.96 -24.59 8.83
C TRP B 392 -25.92 -25.28 7.86
N LEU B 393 -26.31 -26.50 8.19
CA LEU B 393 -27.20 -27.28 7.35
C LEU B 393 -28.61 -26.68 7.14
N VAL B 394 -29.11 -25.92 8.09
CA VAL B 394 -30.42 -25.30 7.90
C VAL B 394 -30.24 -24.03 7.07
N PRO B 395 -30.97 -23.89 5.96
CA PRO B 395 -30.90 -22.73 5.05
C PRO B 395 -31.17 -21.38 5.71
N PRO B 396 -30.52 -20.32 5.21
CA PRO B 396 -30.69 -18.95 5.75
C PRO B 396 -32.13 -18.44 5.61
N VAL B 397 -32.99 -19.23 4.98
CA VAL B 397 -34.39 -18.85 4.82
C VAL B 397 -35.26 -20.11 4.74
N SER B 398 -36.51 -19.99 5.21
CA SER B 398 -37.47 -21.10 5.22
C SER B 398 -36.98 -22.30 6.04
N GLY B 399 -36.25 -21.99 7.11
CA GLY B 399 -35.70 -23.00 7.99
C GLY B 399 -36.57 -24.20 8.34
N SER B 400 -37.66 -23.98 9.07
CA SER B 400 -38.52 -25.09 9.47
C SER B 400 -39.37 -25.66 8.33
N ILE B 401 -39.43 -24.95 7.21
CA ILE B 401 -40.18 -25.45 6.07
C ILE B 401 -39.31 -26.58 5.49
N THR B 402 -38.11 -26.69 6.04
CA THR B 402 -37.13 -27.67 5.62
C THR B 402 -36.96 -28.83 6.60
N PRO B 403 -36.79 -30.06 6.07
CA PRO B 403 -36.63 -31.25 6.91
C PRO B 403 -35.53 -31.14 7.97
N VAL B 404 -34.29 -30.89 7.53
CA VAL B 404 -33.16 -30.83 8.45
C VAL B 404 -33.43 -30.04 9.72
N PHE B 405 -34.30 -29.05 9.64
CA PHE B 405 -34.63 -28.25 10.80
C PHE B 405 -35.23 -29.09 11.93
N HIS B 406 -35.99 -30.11 11.57
CA HIS B 406 -36.64 -30.98 12.55
C HIS B 406 -35.81 -32.22 12.87
N GLN B 407 -34.54 -32.20 12.49
CA GLN B 407 -33.65 -33.33 12.70
C GLN B 407 -32.53 -33.06 13.71
N GLU B 408 -32.55 -33.77 14.83
CA GLU B 408 -31.50 -33.61 15.83
C GLU B 408 -30.22 -34.14 15.22
N MET B 409 -29.11 -33.42 15.41
CA MET B 409 -27.84 -33.81 14.82
C MET B 409 -26.64 -33.72 15.74
N LEU B 410 -25.70 -34.62 15.52
CA LEU B 410 -24.49 -34.66 16.31
C LEU B 410 -23.34 -34.16 15.43
N ASN B 411 -22.57 -33.23 15.97
CA ASN B 411 -21.45 -32.66 15.24
C ASN B 411 -20.13 -32.98 15.94
N TYR B 412 -19.30 -33.78 15.27
CA TYR B 412 -17.99 -34.18 15.79
C TYR B 412 -16.95 -34.23 14.68
N VAL B 413 -15.69 -34.08 15.04
CA VAL B 413 -14.62 -34.10 14.05
C VAL B 413 -13.98 -35.48 13.89
N LEU B 414 -14.07 -36.04 12.68
CA LEU B 414 -13.46 -37.33 12.39
C LEU B 414 -12.17 -37.06 11.63
N SER B 415 -11.66 -38.08 10.94
CA SER B 415 -10.45 -37.94 10.15
C SER B 415 -10.50 -39.01 9.07
N PRO B 416 -10.07 -38.68 7.83
CA PRO B 416 -9.56 -37.39 7.36
C PRO B 416 -10.59 -36.25 7.47
N PHE B 417 -10.12 -35.01 7.49
CA PHE B 417 -10.97 -33.85 7.69
C PHE B 417 -10.47 -32.59 6.97
N TYR B 418 -11.39 -31.67 6.68
CA TYR B 418 -11.02 -30.40 6.04
C TYR B 418 -11.07 -29.36 7.14
N TYR B 419 -9.92 -28.76 7.46
CA TYR B 419 -9.87 -27.75 8.52
C TYR B 419 -9.69 -26.35 7.97
N TYR B 420 -9.95 -25.37 8.82
CA TYR B 420 -9.73 -23.99 8.45
C TYR B 420 -8.28 -23.79 8.85
N GLN B 421 -7.68 -22.70 8.41
CA GLN B 421 -6.31 -22.38 8.80
C GLN B 421 -6.23 -20.90 9.09
N ILE B 422 -5.11 -20.49 9.67
CA ILE B 422 -4.93 -19.10 10.01
C ILE B 422 -4.55 -18.35 8.74
N GLU B 423 -5.19 -17.22 8.52
CA GLU B 423 -4.91 -16.42 7.34
C GLU B 423 -3.40 -16.28 7.20
N PRO B 424 -2.85 -16.77 6.07
CA PRO B 424 -1.42 -16.73 5.77
C PRO B 424 -0.72 -15.39 5.94
N TRP B 425 -1.32 -14.32 5.43
CA TRP B 425 -0.72 -12.99 5.53
C TRP B 425 -0.47 -12.55 6.98
N LYS B 426 -0.92 -13.34 7.94
CA LYS B 426 -0.73 -13.00 9.34
C LYS B 426 0.44 -13.80 9.91
N THR B 427 0.59 -15.02 9.42
CA THR B 427 1.66 -15.90 9.87
C THR B 427 2.51 -16.23 8.65
N HIS B 428 3.43 -15.32 8.34
CA HIS B 428 4.31 -15.49 7.18
C HIS B 428 5.33 -14.38 7.14
N ILE B 429 6.60 -14.76 7.22
CA ILE B 429 7.68 -13.80 7.18
C ILE B 429 8.22 -13.69 5.75
N TRP B 430 8.17 -12.47 5.20
CA TRP B 430 8.61 -12.22 3.83
C TRP B 430 10.13 -12.27 3.64
CHA HEM C . 17.10 27.46 -4.14
CHB HEM C . 14.80 31.67 -3.37
CHC HEM C . 16.28 31.74 1.23
CHD HEM C . 18.81 27.68 0.45
C1A HEM C . 16.22 28.53 -4.33
C2A HEM C . 15.37 28.77 -5.52
C3A HEM C . 14.79 29.99 -5.29
C4A HEM C . 15.23 30.48 -3.97
CMA HEM C . 13.88 30.74 -6.26
CAA HEM C . 15.10 27.88 -6.73
CBA HEM C . 14.08 26.80 -6.41
CGA HEM C . 13.78 25.87 -7.59
O1A HEM C . 13.22 24.77 -7.35
O2A HEM C . 14.09 26.25 -8.74
C1B HEM C . 15.09 32.12 -2.10
C2B HEM C . 14.53 33.30 -1.51
C3B HEM C . 14.89 33.37 -0.20
C4B HEM C . 15.74 32.17 0.01
CMB HEM C . 13.79 34.39 -2.24
CAB HEM C . 14.36 34.32 0.66
CBB HEM C . 15.00 35.05 1.65
C1C HEM C . 17.04 30.60 1.42
C2C HEM C . 17.54 30.17 2.71
C3C HEM C . 18.31 29.04 2.50
C4C HEM C . 18.25 28.78 1.07
CMC HEM C . 17.18 30.83 4.03
CAC HEM C . 19.02 28.27 3.41
CBC HEM C . 19.41 28.68 4.69
C1D HEM C . 18.66 27.31 -0.89
C2D HEM C . 19.19 26.09 -1.48
C3D HEM C . 18.70 26.07 -2.72
C4D HEM C . 17.88 27.22 -2.96
CMD HEM C . 20.15 25.04 -0.89
CAD HEM C . 18.87 24.93 -3.67
CBD HEM C . 17.73 23.97 -3.38
CGD HEM C . 17.79 22.76 -4.26
O1D HEM C . 16.75 22.09 -4.44
O2D HEM C . 18.90 22.47 -4.76
NA HEM C . 16.08 29.57 -3.39
NB HEM C . 15.85 31.43 -1.17
NC HEM C . 17.45 29.73 0.42
ND HEM C . 17.88 27.99 -1.83
FE HEM C . 17.05 29.81 -1.61
N1 H4B D . 16.46 25.91 -12.42
C2 H4B D . 15.80 26.05 -11.26
N2 H4B D . 15.90 27.19 -10.60
N3 H4B D . 15.01 25.08 -10.77
C4 H4B D . 14.86 23.95 -11.44
O4 H4B D . 14.05 23.09 -11.07
C4A H4B D . 15.62 23.71 -12.60
C8A H4B D . 16.49 24.73 -13.02
N5 H4B D . 15.51 22.57 -13.28
N8 H4B D . 17.36 24.51 -14.01
C6 H4B D . 16.19 22.42 -14.55
C7 H4B D . 17.26 23.39 -14.81
C9 H4B D . 16.26 20.95 -15.01
O9 H4B D . 15.03 20.59 -15.65
C10 H4B D . 17.42 20.66 -15.95
C11 H4B D . 17.27 19.27 -16.57
O10 H4B D . 18.64 20.74 -15.23
C8 1A2 E . 14.33 25.40 -3.57
C5 1A2 E . 11.88 28.65 -2.72
N6 1A2 E . 11.39 27.58 -3.41
C2 1A2 E . 14.89 27.88 0.13
C4 1A2 E . 13.10 29.30 -0.63
C1 1A2 E . 14.69 27.03 -0.96
C3 1A2 E . 14.08 28.99 0.29
C4A 1A2 E . 12.90 28.45 -1.77
C7 1A2 E . 11.85 26.16 -3.22
N8 1A2 E . 13.34 26.30 -2.91
C8A 1A2 E . 13.70 27.24 -1.93
F9 1A2 E . 12.35 30.37 -0.42
F10 1A2 E . 15.45 26.00 -1.12
C11 1A2 E . 11.11 25.55 -1.97
C12 1A2 E . 9.64 25.41 -2.28
N13 1A2 E . 9.56 24.48 -3.42
C14 1A2 E . 9.95 25.32 -4.60
C15 1A2 E . 11.49 25.36 -4.52
C16 1A2 E . 8.41 23.69 -3.49
O17 1A2 E . 7.50 23.76 -2.59
N18 1A2 E . 11.44 29.87 -2.96
C19 1A2 E . 8.28 22.76 -4.59
C20 1A2 E . 7.00 22.48 -5.23
N21 1A2 E . 7.01 21.55 -6.29
C22 1A2 E . 8.23 20.91 -6.72
C23 1A2 E . 9.44 21.19 -6.10
C24 1A2 E . 9.47 22.09 -5.06
C25 1A2 E . 8.22 19.99 -7.74
N26 1A2 E . 8.26 19.04 -8.69
C13 1A2 E . 14.18 23.90 -3.11
CHA HEM F . -20.02 -26.31 2.80
CHB HEM F . -22.84 -27.31 -1.05
CHC HEM F . -19.44 -30.29 -2.78
CHD HEM F . -16.75 -29.52 1.18
C1A HEM F . -21.05 -26.27 1.86
C2A HEM F . -22.15 -25.36 1.85
C3A HEM F . -22.95 -25.68 0.81
C4A HEM F . -22.34 -26.77 0.13
CMA HEM F . -24.24 -25.00 0.46
CAA HEM F . -22.38 -24.11 2.70
CBA HEM F . -21.59 -22.93 2.15
CGA HEM F . -21.77 -21.68 2.99
O1A HEM F . -20.88 -20.79 2.99
O2A HEM F . -22.83 -21.59 3.66
C1B HEM F . -22.20 -28.27 -1.86
C2B HEM F . -22.74 -28.83 -3.07
C3B HEM F . -21.84 -29.68 -3.61
C4B HEM F . -20.67 -29.63 -2.67
CMB HEM F . -24.14 -28.61 -3.62
CAB HEM F . -22.15 -30.46 -4.75
CBB HEM F . -21.42 -31.50 -5.33
C1C HEM F . -18.39 -30.31 -1.88
C2C HEM F . -17.06 -30.91 -2.14
C3C HEM F . -16.32 -30.75 -1.00
C4C HEM F . -17.19 -30.01 -0.06
CMC HEM F . -16.60 -31.54 -3.46
CAC HEM F . -15.01 -31.17 -0.76
CBC HEM F . -14.41 -32.32 -1.25
C1D HEM F . -17.44 -28.62 2.03
C2D HEM F . -16.91 -28.09 3.29
C3D HEM F . -17.79 -27.20 3.71
C4D HEM F . -18.91 -27.18 2.77
CMD HEM F . -15.61 -28.39 4.01
CAD HEM F . -17.53 -26.27 4.88
CBD HEM F . -16.80 -25.03 4.41
CGD HEM F . -16.74 -23.98 5.50
O1D HEM F . -16.57 -22.79 5.17
O2D HEM F . -16.85 -24.35 6.67
NA HEM F . -21.17 -27.12 0.77
NB HEM F . -20.95 -28.78 -1.60
NC HEM F . -18.44 -29.75 -0.62
ND HEM F . -18.67 -28.07 1.75
FE HEM F . -19.92 -28.60 0.21
N1 H4B G . -24.87 -21.42 7.85
C2 H4B G . -24.21 -21.61 6.70
N2 H4B G . -24.53 -22.67 5.96
N3 H4B G . -23.27 -20.77 6.28
C4 H4B G . -22.95 -19.69 7.00
O4 H4B G . -22.21 -18.81 6.57
C4A H4B G . -23.49 -19.55 8.31
C8A H4B G . -24.46 -20.50 8.72
N5 H4B G . -23.09 -18.57 9.12
N8 H4B G . -24.96 -20.45 9.94
C6 H4B G . -23.43 -18.65 10.52
C7 H4B G . -24.57 -19.49 10.85
C9 H4B G . -23.07 -17.36 11.28
O9 H4B G . -23.78 -16.25 10.72
C10 H4B G . -23.35 -17.44 12.78
C11 H4B G . -22.75 -16.23 13.50
O10 H4B G . -22.80 -18.66 13.30
C8 1A2 H . -18.46 -23.27 1.50
C5 1A2 H . -20.61 -23.85 -2.00
N6 1A2 H . -20.39 -22.59 -1.53
C2 1A2 H . -17.58 -26.65 -1.29
C4 1A2 H . -19.45 -25.95 -2.61
C1 1A2 H . -17.76 -25.58 -0.45
C3 1A2 H . -18.43 -26.82 -2.38
C4A 1A2 H . -19.65 -24.84 -1.75
C7 1A2 H . -19.19 -22.14 -0.76
N8 1A2 H . -18.83 -23.39 0.04
C8A 1A2 H . -18.77 -24.60 -0.64
F9 1A2 H . -20.23 -26.16 -3.63
F10 1A2 H . -16.98 -25.45 0.57
C11 1A2 H . -18.03 -21.81 -1.75
C12 1A2 H . -18.34 -20.54 -2.53
N13 1A2 H . -18.52 -19.44 -1.54
C14 1A2 H . -19.87 -19.73 -0.95
C15 1A2 H . -19.59 -20.86 0.07
C16 1A2 H . -18.22 -18.12 -1.98
O17 1A2 H . -17.81 -17.90 -3.18
N18 1A2 H . -21.72 -24.17 -2.65
C19 1A2 H . -18.36 -17.04 -1.03
C20 1A2 H . -18.77 -15.70 -1.40
N21 1A2 H . -18.88 -14.71 -0.36
C22 1A2 H . -18.59 -15.05 1.00
C23 1A2 H . -18.19 -16.34 1.34
C24 1A2 H . -18.07 -17.32 0.34
C25 1A2 H . -18.67 -14.13 2.00
N26 1A2 H . -18.75 -13.27 3.03
C13 1A2 H . -17.07 -22.57 1.71
#